data_4Z07
#
_entry.id   4Z07
#
_cell.length_a   73.239
_cell.length_b   202.978
_cell.length_c   134.551
_cell.angle_alpha   90.00
_cell.angle_beta   90.00
_cell.angle_gamma   90.00
#
_symmetry.space_group_name_H-M   'C 2 2 2'
#
loop_
_entity.id
_entity.type
_entity.pdbx_description
1 polymer 'cGMP-dependent protein kinase 1'
2 non-polymer 'CYCLIC GUANOSINE MONOPHOSPHATE'
3 non-polymer 'SULFATE ION'
4 non-polymer 'ISOPROPYL ALCOHOL'
5 water water
#
_entity_poly.entity_id   1
_entity_poly.type   'polypeptide(L)'
_entity_poly.pdbx_seq_one_letter_code
;GSSHVTLPFYPKSPQSKDLIKEAILDNDFMKNLELSQIQEIVDCMYPVEYGKDSCIIKEGDVGSLVYVMEDGKVEVTKEG
VKLCTMGPGKVFGELAILYNCTRTATVKTLVNVKLWAIDRQCFQTIMMRTGLIKHTEYMEFLKSVPTFQSLPEEILSKLA
DVLEETHYENGEYIIRQGARGDTFFIISKGTVNVTREDSPSEDPVFLRTLGKGDWFGEKALQGEDVRTANVIAAEAVTCL
VIDRDSFKHLIGGLDDVSNKAY
;
_entity_poly.pdbx_strand_id   A,C,E
#
loop_
_chem_comp.id
_chem_comp.type
_chem_comp.name
_chem_comp.formula
IPA non-polymer 'ISOPROPYL ALCOHOL' 'C3 H8 O'
PCG non-polymer 'CYCLIC GUANOSINE MONOPHOSPHATE' 'C10 H12 N5 O7 P'
SO4 non-polymer 'SULFATE ION' 'O4 S -2'
#
# COMPACT_ATOMS: atom_id res chain seq x y z
N SER A 3 9.68 0.06 19.13
CA SER A 3 9.29 -0.28 17.76
C SER A 3 8.45 0.82 17.10
N HIS A 4 7.14 0.60 17.05
CA HIS A 4 6.18 1.24 16.12
C HIS A 4 6.26 2.75 15.82
N VAL A 5 6.17 3.10 14.54
CA VAL A 5 6.18 4.49 14.12
C VAL A 5 4.89 5.23 14.55
N THR A 6 5.04 6.49 14.94
CA THR A 6 3.88 7.31 15.27
C THR A 6 3.54 8.23 14.11
N LEU A 7 2.31 8.17 13.63
CA LEU A 7 1.98 8.93 12.44
C LEU A 7 1.66 10.39 12.82
N PRO A 8 1.94 11.35 11.93
CA PRO A 8 1.56 12.73 12.30
C PRO A 8 0.05 12.91 12.30
N PHE A 9 -0.44 13.79 13.16
CA PHE A 9 -1.86 14.09 13.20
C PHE A 9 -2.07 15.54 12.76
N TYR A 10 -2.93 15.74 11.78
CA TYR A 10 -3.29 17.08 11.36
C TYR A 10 -4.78 17.34 11.58
N PRO A 11 -5.10 18.21 12.55
CA PRO A 11 -6.49 18.56 12.88
C PRO A 11 -7.18 19.19 11.68
N LYS A 12 -8.40 18.74 11.39
CA LYS A 12 -9.16 19.19 10.25
C LYS A 12 -10.60 19.44 10.66
N SER A 13 -11.28 20.29 9.90
CA SER A 13 -12.71 20.50 10.14
C SER A 13 -13.49 19.20 9.88
N PRO A 14 -14.65 19.05 10.54
CA PRO A 14 -15.52 17.90 10.32
C PRO A 14 -15.92 17.72 8.85
N GLN A 15 -16.18 18.85 8.20
CA GLN A 15 -16.56 18.88 6.81
C GLN A 15 -15.45 18.32 5.90
N SER A 16 -14.20 18.68 6.19
CA SER A 16 -13.05 18.18 5.44
C SER A 16 -12.83 16.69 5.66
N LYS A 17 -12.97 16.26 6.91
CA LYS A 17 -12.73 14.87 7.23
C LYS A 17 -13.74 13.99 6.51
N ASP A 18 -14.97 14.48 6.38
CA ASP A 18 -16.01 13.75 5.69
C ASP A 18 -15.77 13.76 4.20
N LEU A 19 -15.28 14.89 3.68
CA LEU A 19 -14.95 14.98 2.26
C LEU A 19 -13.88 13.94 1.93
N ILE A 20 -12.84 13.87 2.75
CA ILE A 20 -11.75 12.93 2.50
C ILE A 20 -12.26 11.50 2.59
N LYS A 21 -13.03 11.23 3.63
CA LYS A 21 -13.56 9.90 3.81
C LYS A 21 -14.38 9.49 2.59
N GLU A 22 -15.22 10.41 2.09
CA GLU A 22 -16.08 10.06 0.96
C GLU A 22 -15.29 9.89 -0.32
N ALA A 23 -14.21 10.66 -0.46
CA ALA A 23 -13.39 10.62 -1.66
C ALA A 23 -12.70 9.27 -1.80
N ILE A 24 -12.24 8.75 -0.67
CA ILE A 24 -11.61 7.45 -0.67
C ILE A 24 -12.64 6.36 -0.98
N LEU A 25 -13.78 6.44 -0.33
CA LEU A 25 -14.83 5.43 -0.51
C LEU A 25 -15.42 5.45 -1.92
N ASP A 26 -15.15 6.53 -2.65
CA ASP A 26 -15.62 6.69 -4.01
C ASP A 26 -14.58 6.23 -5.06
N ASN A 27 -13.35 6.00 -4.60
CA ASN A 27 -12.24 5.65 -5.48
C ASN A 27 -12.16 4.14 -5.67
N ASP A 28 -12.17 3.66 -6.90
CA ASP A 28 -12.26 2.21 -7.12
C ASP A 28 -11.05 1.40 -6.64
N PHE A 29 -9.90 2.04 -6.53
CA PHE A 29 -8.69 1.34 -6.11
C PHE A 29 -8.50 1.40 -4.60
N MET A 30 -9.39 2.10 -3.90
CA MET A 30 -9.18 2.35 -2.48
C MET A 30 -10.42 2.15 -1.58
N LYS A 31 -11.59 2.06 -2.20
CA LYS A 31 -12.84 1.95 -1.44
C LYS A 31 -12.92 0.69 -0.56
N ASN A 32 -12.05 -0.27 -0.79
CA ASN A 32 -12.06 -1.52 -0.03
C ASN A 32 -10.99 -1.59 1.07
N LEU A 33 -10.48 -0.43 1.46
CA LEU A 33 -9.62 -0.31 2.62
C LEU A 33 -10.47 -0.51 3.86
N GLU A 34 -9.89 -0.97 4.96
CA GLU A 34 -10.66 -1.09 6.19
C GLU A 34 -11.03 0.30 6.69
N LEU A 35 -12.11 0.41 7.45
CA LEU A 35 -12.53 1.72 7.95
C LEU A 35 -11.43 2.35 8.78
N SER A 36 -10.77 1.53 9.58
CA SER A 36 -9.74 2.03 10.47
C SER A 36 -8.61 2.68 9.67
N GLN A 37 -8.30 2.10 8.50
CA GLN A 37 -7.26 2.61 7.63
C GLN A 37 -7.62 3.94 6.97
N ILE A 38 -8.86 4.03 6.51
CA ILE A 38 -9.38 5.25 5.91
C ILE A 38 -9.35 6.37 6.93
N GLN A 39 -9.69 6.04 8.18
CA GLN A 39 -9.64 7.01 9.25
C GLN A 39 -8.23 7.52 9.46
N GLU A 40 -7.29 6.60 9.45
CA GLU A 40 -5.89 6.96 9.69
C GLU A 40 -5.38 7.84 8.57
N ILE A 41 -5.78 7.54 7.34
CA ILE A 41 -5.42 8.40 6.24
C ILE A 41 -5.97 9.81 6.45
N VAL A 42 -7.22 9.87 6.88
CA VAL A 42 -7.90 11.14 7.11
C VAL A 42 -7.10 12.00 8.07
N ASP A 43 -6.66 11.39 9.16
CA ASP A 43 -6.02 12.17 10.18
C ASP A 43 -4.62 12.59 9.84
N CYS A 44 -3.97 11.84 8.93
CA CYS A 44 -2.59 12.21 8.65
CA CYS A 44 -2.58 12.00 8.50
C CYS A 44 -2.38 12.96 7.34
N MET A 45 -3.44 13.22 6.59
CA MET A 45 -3.27 14.09 5.42
C MET A 45 -3.03 15.53 5.85
N TYR A 46 -2.12 16.21 5.15
CA TYR A 46 -1.80 17.62 5.44
C TYR A 46 -2.20 18.49 4.25
N PRO A 47 -2.45 19.79 4.48
CA PRO A 47 -2.94 20.65 3.40
C PRO A 47 -1.87 21.18 2.45
N VAL A 48 -2.21 21.30 1.17
CA VAL A 48 -1.33 21.85 0.16
C VAL A 48 -2.23 22.54 -0.88
N GLU A 49 -1.79 23.70 -1.39
CA GLU A 49 -2.50 24.48 -2.40
C GLU A 49 -1.65 24.64 -3.65
N TYR A 50 -2.30 24.80 -4.80
CA TYR A 50 -1.60 25.17 -6.03
C TYR A 50 -2.39 26.22 -6.78
N GLY A 51 -1.70 27.05 -7.54
CA GLY A 51 -2.34 28.08 -8.32
C GLY A 51 -2.79 27.54 -9.66
N LYS A 52 -3.55 28.35 -10.38
CA LYS A 52 -3.95 28.02 -11.73
C LYS A 52 -2.72 27.60 -12.56
N ASP A 53 -2.92 26.70 -13.52
CA ASP A 53 -1.87 26.30 -14.45
C ASP A 53 -0.60 25.72 -13.81
N SER A 54 -0.74 24.86 -12.82
CA SER A 54 0.40 24.18 -12.22
C SER A 54 0.35 22.71 -12.57
N CYS A 55 1.53 22.10 -12.64
CA CYS A 55 1.63 20.67 -12.85
C CYS A 55 1.90 20.03 -11.51
N ILE A 56 0.88 19.35 -11.00
CA ILE A 56 1.01 18.71 -9.72
C ILE A 56 1.79 17.41 -9.84
N ILE A 57 1.48 16.67 -10.89
CA ILE A 57 2.02 15.34 -11.15
C ILE A 57 2.43 15.21 -12.59
N LYS A 58 3.66 14.74 -12.83
CA LYS A 58 4.13 14.48 -14.19
C LYS A 58 4.26 12.98 -14.47
N GLU A 59 3.67 12.51 -15.56
CA GLU A 59 3.73 11.09 -15.87
C GLU A 59 5.17 10.67 -16.02
N GLY A 60 5.49 9.47 -15.55
CA GLY A 60 6.84 8.95 -15.64
C GLY A 60 7.63 9.17 -14.38
N ASP A 61 7.22 10.14 -13.57
CA ASP A 61 7.92 10.44 -12.33
C ASP A 61 7.68 9.36 -11.27
N VAL A 62 8.62 9.26 -10.34
CA VAL A 62 8.43 8.42 -9.17
C VAL A 62 7.31 9.01 -8.34
N GLY A 63 6.41 8.17 -7.84
CA GLY A 63 5.30 8.66 -7.05
C GLY A 63 5.69 8.83 -5.60
N SER A 64 5.17 9.86 -4.93
CA SER A 64 5.46 10.07 -3.52
C SER A 64 4.21 10.37 -2.69
N LEU A 65 3.29 11.18 -3.24
CA LEU A 65 2.11 11.60 -2.48
C LEU A 65 0.83 11.13 -3.14
N VAL A 66 -0.18 10.83 -2.32
CA VAL A 66 -1.55 10.59 -2.80
C VAL A 66 -2.42 11.81 -2.42
N TYR A 67 -3.22 12.30 -3.36
CA TYR A 67 -3.99 13.51 -3.13
C TYR A 67 -5.49 13.30 -3.02
N VAL A 68 -6.12 14.19 -2.26
CA VAL A 68 -7.56 14.33 -2.27
C VAL A 68 -7.89 15.79 -2.52
N MET A 69 -8.71 16.05 -3.53
CA MET A 69 -9.04 17.43 -3.84
C MET A 69 -10.22 17.97 -3.05
N GLU A 70 -10.02 19.09 -2.35
CA GLU A 70 -11.16 19.70 -1.68
C GLU A 70 -11.74 20.86 -2.50
N ASP A 71 -10.91 21.68 -3.13
CA ASP A 71 -11.42 22.77 -3.97
C ASP A 71 -10.66 22.85 -5.26
N GLY A 72 -11.37 23.11 -6.35
CA GLY A 72 -10.76 23.40 -7.63
C GLY A 72 -11.05 22.34 -8.66
N LYS A 73 -10.23 22.32 -9.69
CA LYS A 73 -10.43 21.43 -10.82
C LYS A 73 -9.07 21.14 -11.40
N VAL A 74 -8.79 19.87 -11.69
CA VAL A 74 -7.53 19.50 -12.32
C VAL A 74 -7.84 18.77 -13.61
N GLU A 75 -6.85 18.74 -14.51
CA GLU A 75 -6.96 18.03 -15.79
C GLU A 75 -5.98 16.88 -15.88
N VAL A 76 -6.46 15.74 -16.35
CA VAL A 76 -5.62 14.53 -16.44
C VAL A 76 -5.34 14.15 -17.88
N THR A 77 -4.06 14.12 -18.23
CA THR A 77 -3.66 13.74 -19.58
C THR A 77 -2.62 12.63 -19.53
N LYS A 78 -2.57 11.84 -20.60
CA LYS A 78 -1.55 10.80 -20.72
C LYS A 78 -1.04 10.83 -22.13
N GLU A 79 0.26 11.03 -22.29
CA GLU A 79 0.87 11.16 -23.61
C GLU A 79 0.09 12.17 -24.44
N GLY A 80 -0.32 13.26 -23.81
CA GLY A 80 -1.07 14.30 -24.49
C GLY A 80 -2.55 14.03 -24.68
N VAL A 81 -3.00 12.81 -24.42
CA VAL A 81 -4.42 12.50 -24.62
C VAL A 81 -5.14 12.94 -23.36
N LYS A 82 -6.18 13.75 -23.54
CA LYS A 82 -6.97 14.19 -22.41
C LYS A 82 -7.75 13.01 -21.89
N LEU A 83 -7.62 12.72 -20.59
CA LEU A 83 -8.35 11.60 -20.03
C LEU A 83 -9.64 12.03 -19.34
N CYS A 84 -9.52 13.07 -18.51
CA CYS A 84 -10.67 13.63 -17.80
C CYS A 84 -10.32 14.91 -17.06
N THR A 85 -11.34 15.54 -16.50
CA THR A 85 -11.17 16.60 -15.52
C THR A 85 -11.68 16.06 -14.20
N MET A 86 -11.15 16.57 -13.09
CA MET A 86 -11.61 16.09 -11.79
C MET A 86 -11.94 17.24 -10.87
N GLY A 87 -13.03 17.09 -10.12
CA GLY A 87 -13.46 18.13 -9.22
C GLY A 87 -13.23 17.76 -7.78
N PRO A 88 -13.83 18.53 -6.85
CA PRO A 88 -13.72 18.24 -5.43
C PRO A 88 -14.24 16.84 -5.09
N GLY A 89 -13.67 16.22 -4.08
CA GLY A 89 -14.13 14.92 -3.62
C GLY A 89 -13.50 13.74 -4.35
N LYS A 90 -12.43 13.99 -5.10
CA LYS A 90 -11.75 12.93 -5.83
C LYS A 90 -10.33 12.71 -5.35
N VAL A 91 -9.94 11.43 -5.28
CA VAL A 91 -8.54 11.03 -5.07
C VAL A 91 -7.78 11.07 -6.38
N PHE A 92 -6.54 11.53 -6.35
CA PHE A 92 -5.63 11.22 -7.45
C PHE A 92 -4.22 11.04 -6.93
N GLY A 93 -3.41 10.30 -7.70
CA GLY A 93 -2.05 10.00 -7.35
C GLY A 93 -1.90 8.75 -6.53
N GLU A 94 -2.95 7.93 -6.48
CA GLU A 94 -2.89 6.72 -5.69
C GLU A 94 -2.27 5.55 -6.50
N LEU A 95 -2.32 5.62 -7.83
CA LEU A 95 -1.86 4.46 -8.61
C LEU A 95 -0.36 4.19 -8.44
N ALA A 96 0.46 5.23 -8.54
CA ALA A 96 1.90 5.04 -8.43
C ALA A 96 2.30 4.45 -7.08
N ILE A 97 1.55 4.81 -6.05
CA ILE A 97 1.84 4.43 -4.68
C ILE A 97 1.30 3.02 -4.35
N LEU A 98 0.09 2.72 -4.82
CA LEU A 98 -0.52 1.42 -4.62
C LEU A 98 0.23 0.31 -5.34
N TYR A 99 0.77 0.64 -6.50
CA TYR A 99 1.25 -0.37 -7.43
C TYR A 99 2.75 -0.30 -7.69
N ASN A 100 3.41 0.56 -6.93
CA ASN A 100 4.84 0.76 -7.04
C ASN A 100 5.30 0.88 -8.48
N CYS A 101 4.69 1.81 -9.20
CA CYS A 101 5.10 2.13 -10.54
C CYS A 101 5.28 3.65 -10.58
N THR A 102 5.80 4.17 -11.68
CA THR A 102 5.89 5.61 -11.89
C THR A 102 4.50 6.17 -12.20
N ARG A 103 4.36 7.49 -12.09
CA ARG A 103 3.09 8.16 -12.39
C ARG A 103 2.60 7.79 -13.78
N THR A 104 1.34 7.35 -13.84
CA THR A 104 0.79 6.79 -15.06
C THR A 104 0.11 7.85 -15.90
N ALA A 105 0.07 9.08 -15.39
CA ALA A 105 -0.57 10.18 -16.10
C ALA A 105 -0.10 11.53 -15.56
N THR A 106 -0.48 12.60 -16.26
CA THR A 106 -0.11 13.95 -15.84
C THR A 106 -1.33 14.69 -15.29
N VAL A 107 -1.14 15.38 -14.16
CA VAL A 107 -2.21 16.14 -13.53
C VAL A 107 -1.86 17.61 -13.41
N LYS A 108 -2.68 18.44 -14.04
CA LYS A 108 -2.48 19.88 -14.03
C LYS A 108 -3.72 20.60 -13.53
N THR A 109 -3.51 21.71 -12.85
CA THR A 109 -4.61 22.51 -12.35
C THR A 109 -5.23 23.40 -13.42
N LEU A 110 -6.55 23.55 -13.37
CA LEU A 110 -7.28 24.44 -14.26
C LEU A 110 -7.63 25.74 -13.53
N VAL A 111 -7.70 25.65 -12.20
CA VAL A 111 -7.95 26.79 -11.33
C VAL A 111 -7.11 26.62 -10.08
N ASN A 112 -7.20 27.57 -9.15
CA ASN A 112 -6.58 27.38 -7.84
C ASN A 112 -7.13 26.14 -7.22
N VAL A 113 -6.28 25.32 -6.63
CA VAL A 113 -6.79 24.10 -6.02
C VAL A 113 -6.39 24.02 -4.57
N LYS A 114 -7.20 23.29 -3.83
CA LYS A 114 -7.00 23.06 -2.41
C LYS A 114 -6.95 21.56 -2.24
N LEU A 115 -5.77 21.04 -1.89
CA LEU A 115 -5.61 19.59 -1.75
C LEU A 115 -5.32 19.17 -0.32
N TRP A 116 -5.59 17.89 -0.07
CA TRP A 116 -5.07 17.18 1.09
C TRP A 116 -4.08 16.11 0.59
N ALA A 117 -2.94 15.95 1.26
CA ALA A 117 -1.92 15.03 0.77
C ALA A 117 -1.45 14.08 1.86
N ILE A 118 -1.05 12.87 1.48
CA ILE A 118 -0.48 11.91 2.43
C ILE A 118 0.86 11.42 1.92
N ASP A 119 1.88 11.45 2.77
CA ASP A 119 3.21 11.04 2.32
C ASP A 119 3.34 9.51 2.26
N ARG A 120 4.36 9.06 1.55
CA ARG A 120 4.51 7.64 1.26
C ARG A 120 4.88 6.86 2.55
N GLN A 121 5.60 7.50 3.48
CA GLN A 121 5.93 6.87 4.76
C GLN A 121 4.65 6.47 5.52
N CYS A 122 3.70 7.40 5.58
CA CYS A 122 2.40 7.17 6.22
C CYS A 122 1.55 6.16 5.49
N PHE A 123 1.45 6.31 4.18
CA PHE A 123 0.62 5.42 3.36
C PHE A 123 1.08 3.98 3.52
N GLN A 124 2.39 3.77 3.50
CA GLN A 124 2.97 2.43 3.61
C GLN A 124 2.66 1.85 4.99
N THR A 125 2.76 2.71 6.00
CA THR A 125 2.43 2.29 7.36
C THR A 125 0.96 1.88 7.46
N ILE A 126 0.09 2.72 6.95
CA ILE A 126 -1.34 2.46 7.06
C ILE A 126 -1.76 1.21 6.27
N MET A 127 -1.13 0.97 5.12
CA MET A 127 -1.46 -0.19 4.29
C MET A 127 -1.24 -1.51 5.02
N MET A 128 -0.36 -1.47 6.00
CA MET A 128 -0.02 -2.64 6.77
C MET A 128 -0.81 -2.73 8.07
N ARG A 129 -1.60 -1.69 8.38
CA ARG A 129 -2.41 -1.73 9.59
C ARG A 129 -3.79 -2.34 9.36
N THR A 130 -3.82 -3.64 9.15
CA THR A 130 -5.06 -4.38 8.93
C THR A 130 -5.43 -5.16 10.19
N GLY A 131 -6.68 -5.58 10.27
CA GLY A 131 -7.11 -6.42 11.37
C GLY A 131 -6.27 -7.69 11.44
N LEU A 132 -6.03 -8.29 10.29
CA LEU A 132 -5.27 -9.52 10.20
C LEU A 132 -3.83 -9.34 10.66
N ILE A 133 -3.24 -8.20 10.31
CA ILE A 133 -1.86 -7.96 10.70
C ILE A 133 -1.86 -7.74 12.21
N LYS A 134 -2.83 -6.96 12.67
CA LYS A 134 -2.98 -6.72 14.10
C LYS A 134 -3.17 -8.05 14.85
N HIS A 135 -4.03 -8.92 14.32
CA HIS A 135 -4.25 -10.25 14.89
C HIS A 135 -2.95 -11.06 15.00
N THR A 136 -2.16 -11.01 13.94
CA THR A 136 -0.89 -11.72 13.93
C THR A 136 0.10 -11.13 14.93
N GLU A 137 0.13 -9.81 15.02
CA GLU A 137 0.97 -9.17 16.04
C GLU A 137 0.57 -9.63 17.45
N TYR A 138 -0.74 -9.73 17.70
CA TYR A 138 -1.24 -10.26 18.98
C TYR A 138 -0.72 -11.68 19.19
N MET A 139 -0.80 -12.50 18.15
CA MET A 139 -0.29 -13.89 18.20
C MET A 139 1.19 -13.94 18.54
N GLU A 140 1.98 -13.16 17.83
CA GLU A 140 3.42 -13.17 18.04
C GLU A 140 3.77 -12.74 19.46
N PHE A 141 3.03 -11.77 19.97
CA PHE A 141 3.30 -11.33 21.33
C PHE A 141 3.01 -12.44 22.33
N LEU A 142 1.84 -13.06 22.21
CA LEU A 142 1.45 -14.11 23.15
C LEU A 142 2.51 -15.23 23.13
N LYS A 143 3.01 -15.56 21.95
CA LYS A 143 4.03 -16.58 21.82
C LYS A 143 5.36 -16.19 22.47
N SER A 144 5.60 -14.91 22.64
CA SER A 144 6.82 -14.46 23.30
C SER A 144 6.69 -14.58 24.79
N VAL A 145 5.46 -14.75 25.26
CA VAL A 145 5.21 -14.93 26.68
C VAL A 145 5.12 -16.42 26.99
N PRO A 146 6.10 -16.96 27.72
CA PRO A 146 6.25 -18.40 27.92
C PRO A 146 5.01 -19.03 28.55
N THR A 147 4.32 -18.26 29.39
CA THR A 147 3.10 -18.74 29.99
C THR A 147 2.03 -19.09 28.96
N PHE A 148 2.00 -18.34 27.86
CA PHE A 148 0.93 -18.48 26.87
C PHE A 148 1.44 -19.21 25.66
N GLN A 149 2.76 -19.27 25.54
CA GLN A 149 3.34 -20.10 24.51
C GLN A 149 2.97 -21.49 24.99
N SER A 150 2.98 -22.48 24.11
CA SER A 150 2.56 -23.86 24.43
C SER A 150 1.04 -23.99 24.51
N LEU A 151 0.33 -22.88 24.55
CA LEU A 151 -1.11 -22.97 24.30
C LEU A 151 -1.24 -23.35 22.83
N PRO A 152 -2.26 -24.15 22.50
CA PRO A 152 -2.45 -24.48 21.08
C PRO A 152 -2.74 -23.24 20.24
N GLU A 153 -2.44 -23.32 18.95
CA GLU A 153 -2.64 -22.19 18.05
C GLU A 153 -4.11 -21.73 18.00
N GLU A 154 -5.04 -22.67 18.13
CA GLU A 154 -6.46 -22.37 18.02
C GLU A 154 -6.87 -21.47 19.18
N ILE A 155 -6.24 -21.70 20.33
CA ILE A 155 -6.55 -20.94 21.54
C ILE A 155 -5.91 -19.56 21.54
N LEU A 156 -4.67 -19.47 21.04
CA LEU A 156 -4.03 -18.18 20.88
C LEU A 156 -4.87 -17.32 19.93
N SER A 157 -5.35 -17.94 18.86
CA SER A 157 -6.12 -17.20 17.87
C SER A 157 -7.43 -16.69 18.47
N LYS A 158 -8.06 -17.51 19.31
CA LYS A 158 -9.25 -17.07 20.02
C LYS A 158 -8.93 -15.93 20.97
N LEU A 159 -7.79 -16.01 21.66
CA LEU A 159 -7.37 -14.94 22.57
C LEU A 159 -7.22 -13.63 21.81
N ALA A 160 -6.50 -13.70 20.69
CA ALA A 160 -6.31 -12.53 19.83
C ALA A 160 -7.63 -11.97 19.32
N ASP A 161 -8.60 -12.85 19.09
CA ASP A 161 -9.92 -12.42 18.65
C ASP A 161 -10.66 -11.57 19.66
N VAL A 162 -10.51 -11.91 20.95
CA VAL A 162 -11.35 -11.32 21.98
C VAL A 162 -10.64 -10.37 22.95
N LEU A 163 -9.31 -10.37 22.92
CA LEU A 163 -8.56 -9.50 23.82
C LEU A 163 -8.85 -8.04 23.47
N GLU A 164 -8.88 -7.17 24.46
CA GLU A 164 -8.99 -5.74 24.17
C GLU A 164 -7.71 -5.03 24.50
N GLU A 165 -7.18 -4.33 23.50
CA GLU A 165 -5.97 -3.56 23.70
C GLU A 165 -6.37 -2.27 24.39
N THR A 166 -5.86 -2.05 25.59
CA THR A 166 -6.24 -0.88 26.36
C THR A 166 -5.04 -0.07 26.84
N HIS A 167 -5.18 1.25 26.85
CA HIS A 167 -4.09 2.15 27.20
C HIS A 167 -4.40 2.85 28.51
N TYR A 168 -3.36 3.11 29.28
CA TYR A 168 -3.53 3.74 30.60
C TYR A 168 -2.57 4.91 30.81
N GLU A 169 -3.09 5.97 31.45
CA GLU A 169 -2.28 7.13 31.77
C GLU A 169 -1.36 6.84 32.94
N ASN A 170 -0.22 7.52 32.99
CA ASN A 170 0.71 7.36 34.08
C ASN A 170 0.04 7.72 35.40
N GLY A 171 0.14 6.84 36.38
CA GLY A 171 -0.48 7.08 37.67
C GLY A 171 -1.88 6.51 37.80
N GLU A 172 -2.44 6.04 36.70
CA GLU A 172 -3.80 5.51 36.71
C GLU A 172 -3.85 4.20 37.46
N TYR A 173 -4.82 4.05 38.36
CA TYR A 173 -5.01 2.75 38.99
C TYR A 173 -5.70 1.86 37.99
N ILE A 174 -4.98 0.88 37.46
CA ILE A 174 -5.61 -0.05 36.55
C ILE A 174 -6.50 -0.97 37.37
N ILE A 175 -6.03 -1.26 38.58
CA ILE A 175 -6.79 -2.05 39.53
C ILE A 175 -6.67 -1.42 40.90
N ARG A 176 -7.80 -1.27 41.59
CA ARG A 176 -7.80 -0.83 42.97
C ARG A 176 -8.05 -1.99 43.93
N GLN A 177 -7.23 -2.08 44.98
CA GLN A 177 -7.43 -3.11 46.01
C GLN A 177 -8.81 -2.98 46.60
N GLY A 178 -9.49 -4.11 46.79
CA GLY A 178 -10.80 -4.07 47.42
C GLY A 178 -11.96 -3.94 46.45
N ALA A 179 -11.67 -3.63 45.19
CA ALA A 179 -12.73 -3.45 44.19
C ALA A 179 -13.18 -4.75 43.54
N ARG A 180 -14.39 -4.77 43.03
CA ARG A 180 -14.80 -5.95 42.27
C ARG A 180 -14.06 -5.94 40.93
N GLY A 181 -13.79 -7.12 40.37
CA GLY A 181 -13.06 -7.21 39.12
C GLY A 181 -13.53 -8.35 38.24
N ASP A 182 -13.39 -8.19 36.92
CA ASP A 182 -13.90 -9.16 35.94
C ASP A 182 -12.93 -9.36 34.79
N THR A 183 -11.74 -8.81 34.93
CA THR A 183 -10.80 -8.76 33.83
C THR A 183 -9.40 -9.20 34.25
N PHE A 184 -8.75 -9.86 33.29
CA PHE A 184 -7.37 -10.28 33.38
C PHE A 184 -6.56 -9.42 32.41
N PHE A 185 -5.33 -9.09 32.79
CA PHE A 185 -4.51 -8.14 32.06
C PHE A 185 -3.19 -8.75 31.66
N ILE A 186 -2.81 -8.58 30.40
CA ILE A 186 -1.47 -8.95 29.95
C ILE A 186 -0.76 -7.68 29.49
N ILE A 187 0.42 -7.42 30.04
CA ILE A 187 1.13 -6.20 29.71
C ILE A 187 1.85 -6.33 28.38
N SER A 188 1.40 -5.58 27.37
CA SER A 188 2.08 -5.60 26.08
C SER A 188 3.08 -4.46 25.97
N LYS A 189 2.94 -3.42 26.80
CA LYS A 189 3.84 -2.27 26.72
C LYS A 189 3.87 -1.49 28.02
N GLY A 190 5.06 -1.11 28.46
CA GLY A 190 5.19 -0.25 29.61
C GLY A 190 5.36 -1.01 30.91
N THR A 191 5.23 -0.32 32.03
CA THR A 191 5.46 -0.93 33.34
C THR A 191 4.38 -0.54 34.34
N VAL A 192 4.13 -1.41 35.32
CA VAL A 192 3.19 -1.10 36.39
C VAL A 192 3.79 -1.37 37.76
N ASN A 193 3.29 -0.65 38.76
CA ASN A 193 3.64 -0.92 40.15
C ASN A 193 2.47 -1.58 40.89
N VAL A 194 2.77 -2.58 41.70
CA VAL A 194 1.77 -3.27 42.49
C VAL A 194 1.91 -2.87 43.95
N THR A 195 0.84 -2.34 44.53
CA THR A 195 0.87 -1.98 45.95
C THR A 195 -0.31 -2.62 46.69
N ARG A 196 -0.18 -2.69 48.01
CA ARG A 196 -1.21 -3.29 48.85
C ARG A 196 -1.23 -2.57 50.19
N GLU A 197 -2.43 -2.31 50.72
CA GLU A 197 -2.57 -1.78 52.09
C GLU A 197 -3.18 -2.85 52.99
N ASP A 198 -2.74 -2.89 54.23
CA ASP A 198 -3.24 -3.90 55.15
C ASP A 198 -4.69 -3.59 55.52
N SER A 199 -5.00 -2.33 55.82
CA SER A 199 -6.40 -1.91 55.98
C SER A 199 -6.62 -0.66 55.16
N PRO A 200 -7.89 -0.25 54.98
CA PRO A 200 -8.04 0.97 54.18
C PRO A 200 -7.67 2.25 54.94
N SER A 201 -7.47 2.15 56.25
CA SER A 201 -7.05 3.32 57.02
C SER A 201 -5.54 3.33 57.14
N GLU A 202 -4.88 2.58 56.27
CA GLU A 202 -3.43 2.50 56.25
C GLU A 202 -2.90 2.78 54.87
N ASP A 203 -1.63 3.16 54.82
CA ASP A 203 -0.97 3.44 53.56
C ASP A 203 -0.40 2.18 52.94
N PRO A 204 -0.52 2.05 51.61
CA PRO A 204 -0.05 0.86 50.90
C PRO A 204 1.47 0.71 50.93
N VAL A 205 1.92 -0.52 50.99
CA VAL A 205 3.32 -0.88 50.87
C VAL A 205 3.54 -1.40 49.46
N PHE A 206 4.74 -1.19 48.94
CA PHE A 206 5.14 -1.63 47.61
C PHE A 206 5.29 -3.14 47.57
N LEU A 207 4.77 -3.76 46.52
CA LEU A 207 4.91 -5.20 46.39
C LEU A 207 5.90 -5.56 45.30
N ARG A 208 5.68 -5.07 44.08
CA ARG A 208 6.58 -5.37 42.97
C ARG A 208 6.29 -4.52 41.74
N THR A 209 7.16 -4.63 40.74
CA THR A 209 7.01 -3.89 39.50
C THR A 209 6.92 -4.88 38.36
N LEU A 210 5.90 -4.74 37.54
CA LEU A 210 5.75 -5.65 36.41
C LEU A 210 5.94 -4.94 35.09
N GLY A 211 6.33 -5.69 34.06
CA GLY A 211 6.54 -5.13 32.73
C GLY A 211 6.02 -6.00 31.59
N LYS A 212 6.58 -5.78 30.40
CA LYS A 212 6.08 -6.42 29.18
C LYS A 212 6.12 -7.94 29.29
N GLY A 213 5.02 -8.60 28.93
CA GLY A 213 4.96 -10.04 29.07
C GLY A 213 4.47 -10.52 30.43
N ASP A 214 4.49 -9.65 31.45
CA ASP A 214 3.86 -9.99 32.74
C ASP A 214 2.35 -9.81 32.70
N TRP A 215 1.68 -10.46 33.64
CA TRP A 215 0.24 -10.38 33.71
C TRP A 215 -0.24 -10.27 35.13
N PHE A 216 -1.49 -9.86 35.29
CA PHE A 216 -2.09 -9.66 36.60
C PHE A 216 -3.60 -9.61 36.49
N GLY A 217 -4.27 -9.71 37.63
CA GLY A 217 -5.71 -9.60 37.68
C GLY A 217 -6.40 -10.95 37.73
N GLU A 218 -5.63 -12.01 37.95
CA GLU A 218 -6.20 -13.36 37.96
C GLU A 218 -6.84 -13.70 39.29
N LYS A 219 -6.33 -13.14 40.39
CA LYS A 219 -6.78 -13.56 41.73
C LYS A 219 -8.28 -13.30 41.96
N ALA A 220 -8.79 -12.17 41.49
CA ALA A 220 -10.21 -11.85 41.68
C ALA A 220 -11.08 -12.66 40.75
N LEU A 221 -10.49 -13.33 39.77
CA LEU A 221 -11.27 -14.19 38.88
C LEU A 221 -11.28 -15.59 39.48
N GLN A 222 -10.36 -15.87 40.40
CA GLN A 222 -10.30 -17.19 41.03
C GLN A 222 -10.94 -17.23 42.44
N GLY A 223 -11.05 -16.10 43.11
CA GLY A 223 -11.69 -16.09 44.42
C GLY A 223 -13.07 -15.46 44.28
N GLU A 224 -13.48 -14.69 45.28
CA GLU A 224 -14.65 -13.86 45.11
C GLU A 224 -14.10 -12.70 44.30
N ASP A 225 -14.91 -12.08 43.46
CA ASP A 225 -14.35 -11.15 42.49
C ASP A 225 -13.93 -9.84 43.11
N VAL A 226 -13.02 -9.93 44.08
CA VAL A 226 -12.47 -8.76 44.73
C VAL A 226 -10.97 -8.72 44.51
N ARG A 227 -10.51 -7.54 44.11
CA ARG A 227 -9.11 -7.29 43.85
C ARG A 227 -8.32 -7.32 45.14
N THR A 228 -7.18 -8.00 45.10
CA THR A 228 -6.38 -8.21 46.29
C THR A 228 -5.18 -7.26 46.40
N ALA A 229 -5.02 -6.36 45.43
CA ALA A 229 -3.94 -5.39 45.47
C ALA A 229 -4.20 -4.29 44.46
N ASN A 230 -3.43 -3.21 44.53
CA ASN A 230 -3.48 -2.17 43.53
C ASN A 230 -2.48 -2.43 42.43
N VAL A 231 -2.88 -2.14 41.19
CA VAL A 231 -1.94 -2.14 40.08
C VAL A 231 -2.01 -0.77 39.38
N ILE A 232 -0.88 -0.07 39.40
CA ILE A 232 -0.84 1.31 38.97
C ILE A 232 0.13 1.50 37.80
N ALA A 233 -0.36 2.15 36.76
CA ALA A 233 0.45 2.43 35.58
C ALA A 233 1.61 3.33 35.96
N ALA A 234 2.80 2.96 35.54
CA ALA A 234 3.98 3.77 35.83
C ALA A 234 4.17 4.73 34.66
N GLU A 235 4.63 4.21 33.53
CA GLU A 235 4.70 5.03 32.35
C GLU A 235 3.51 4.72 31.46
N ALA A 236 3.63 5.04 30.18
CA ALA A 236 2.58 4.73 29.23
C ALA A 236 2.41 3.21 29.19
N VAL A 237 1.20 2.77 29.50
CA VAL A 237 0.98 1.33 29.67
C VAL A 237 -0.08 0.86 28.69
N THR A 238 0.21 -0.25 28.03
CA THR A 238 -0.78 -0.94 27.24
C THR A 238 -0.99 -2.36 27.78
N CYS A 239 -2.25 -2.72 28.02
CA CYS A 239 -2.59 -4.08 28.41
C CYS A 239 -3.48 -4.72 27.37
N LEU A 240 -3.28 -6.01 27.17
CA LEU A 240 -4.26 -6.81 26.45
C LEU A 240 -5.19 -7.31 27.53
N VAL A 241 -6.47 -6.97 27.44
CA VAL A 241 -7.39 -7.19 28.55
C VAL A 241 -8.36 -8.26 28.13
N ILE A 242 -8.69 -9.15 29.06
CA ILE A 242 -9.46 -10.33 28.72
C ILE A 242 -10.64 -10.51 29.67
N ASP A 243 -11.83 -10.67 29.11
CA ASP A 243 -13.03 -10.76 29.93
C ASP A 243 -13.04 -12.07 30.75
N ARG A 244 -13.88 -12.12 31.78
CA ARG A 244 -13.89 -13.26 32.69
C ARG A 244 -14.15 -14.61 32.02
N ASP A 245 -15.18 -14.67 31.20
CA ASP A 245 -15.55 -15.93 30.55
C ASP A 245 -14.43 -16.42 29.64
N SER A 246 -13.87 -15.51 28.84
CA SER A 246 -12.74 -15.86 27.98
C SER A 246 -11.57 -16.30 28.79
N PHE A 247 -11.32 -15.62 29.90
CA PHE A 247 -10.28 -16.04 30.82
C PHE A 247 -10.51 -17.47 31.29
N LYS A 248 -11.70 -17.74 31.82
CA LYS A 248 -12.03 -19.09 32.31
C LYS A 248 -11.83 -20.16 31.23
N HIS A 249 -12.38 -19.95 30.04
CA HIS A 249 -12.29 -20.94 28.97
C HIS A 249 -10.88 -21.11 28.37
N LEU A 250 -10.09 -20.03 28.32
CA LEU A 250 -8.84 -20.05 27.57
C LEU A 250 -7.55 -20.04 28.41
N ILE A 251 -7.58 -19.41 29.58
CA ILE A 251 -6.36 -19.16 30.33
C ILE A 251 -6.39 -19.78 31.73
N GLY A 252 -7.59 -19.86 32.29
CA GLY A 252 -7.79 -20.33 33.64
C GLY A 252 -7.19 -21.71 33.91
N GLY A 253 -7.24 -22.57 32.90
CA GLY A 253 -6.70 -23.91 33.01
C GLY A 253 -5.22 -23.96 33.30
N LEU A 254 -4.48 -23.02 32.73
CA LEU A 254 -3.02 -23.03 32.77
C LEU A 254 -2.49 -23.13 34.18
N ASP A 255 -1.62 -24.12 34.43
CA ASP A 255 -1.01 -24.30 35.74
C ASP A 255 -0.30 -23.03 36.22
N ASP A 256 0.44 -22.37 35.33
CA ASP A 256 1.18 -21.17 35.73
C ASP A 256 0.27 -20.05 36.25
N VAL A 257 -0.96 -20.03 35.78
CA VAL A 257 -1.91 -18.97 36.14
C VAL A 257 -2.76 -19.42 37.33
N SER A 258 -3.23 -20.65 37.26
CA SER A 258 -4.05 -21.24 38.30
C SER A 258 -3.31 -21.34 39.63
N ASN A 259 -2.06 -21.81 39.57
CA ASN A 259 -1.25 -22.02 40.76
C ASN A 259 -0.22 -20.92 40.99
N LYS A 260 -0.51 -19.72 40.52
CA LYS A 260 0.36 -18.56 40.74
C LYS A 260 0.37 -18.23 42.22
N ALA A 261 1.55 -18.12 42.81
CA ALA A 261 1.61 -17.80 44.23
C ALA A 261 2.47 -16.58 44.43
N TYR A 262 2.20 -15.86 45.52
CA TYR A 262 2.89 -14.61 45.77
C TYR A 262 3.48 -14.59 47.18
N VAL B 5 6.63 -6.07 -19.87
CA VAL B 5 5.24 -6.49 -20.02
C VAL B 5 5.16 -8.01 -20.19
N THR B 6 6.27 -8.63 -20.60
CA THR B 6 6.28 -10.08 -20.72
C THR B 6 7.01 -10.72 -19.54
N LEU B 7 6.30 -11.62 -18.87
CA LEU B 7 6.76 -12.28 -17.65
C LEU B 7 7.55 -13.56 -17.94
N PRO B 8 8.41 -13.96 -17.00
CA PRO B 8 9.07 -15.26 -17.14
C PRO B 8 8.07 -16.40 -17.03
N PHE B 9 8.31 -17.49 -17.74
CA PHE B 9 7.51 -18.71 -17.67
C PHE B 9 8.30 -19.96 -17.29
N TYR B 10 7.82 -20.72 -16.33
CA TYR B 10 8.41 -22.02 -16.03
C TYR B 10 7.37 -23.15 -16.08
N PRO B 11 7.56 -24.12 -17.00
CA PRO B 11 6.66 -25.26 -17.20
C PRO B 11 6.51 -26.12 -15.93
N LYS B 12 5.29 -26.47 -15.57
CA LYS B 12 5.06 -27.25 -14.35
C LYS B 12 4.04 -28.36 -14.56
N SER B 13 4.13 -29.40 -13.74
CA SER B 13 3.10 -30.45 -13.72
C SER B 13 1.78 -29.87 -13.20
N PRO B 14 0.65 -30.48 -13.59
CA PRO B 14 -0.65 -30.06 -13.07
C PRO B 14 -0.68 -30.13 -11.54
N GLN B 15 -0.05 -31.17 -10.98
CA GLN B 15 -0.01 -31.30 -9.53
C GLN B 15 0.69 -30.11 -8.89
N SER B 16 1.81 -29.68 -9.48
CA SER B 16 2.53 -28.53 -8.94
C SER B 16 1.69 -27.27 -9.09
N LYS B 17 1.08 -27.12 -10.26
CA LYS B 17 0.28 -25.94 -10.52
C LYS B 17 -0.89 -25.85 -9.55
N ASP B 18 -1.45 -27.01 -9.20
CA ASP B 18 -2.56 -27.04 -8.24
C ASP B 18 -2.11 -26.78 -6.82
N LEU B 19 -0.94 -27.30 -6.46
CA LEU B 19 -0.40 -27.08 -5.13
C LEU B 19 -0.21 -25.59 -4.86
N ILE B 20 0.36 -24.89 -5.82
CA ILE B 20 0.62 -23.46 -5.70
C ILE B 20 -0.68 -22.64 -5.61
N LYS B 21 -1.64 -22.96 -6.47
CA LYS B 21 -2.92 -22.28 -6.47
C LYS B 21 -3.62 -22.49 -5.13
N GLU B 22 -3.56 -23.71 -4.61
CA GLU B 22 -4.22 -23.99 -3.35
C GLU B 22 -3.50 -23.29 -2.20
N ALA B 23 -2.18 -23.17 -2.31
CA ALA B 23 -1.38 -22.50 -1.29
C ALA B 23 -1.77 -21.01 -1.22
N ILE B 24 -1.95 -20.42 -2.38
CA ILE B 24 -2.37 -19.03 -2.48
C ILE B 24 -3.80 -18.87 -1.98
N LEU B 25 -4.69 -19.76 -2.39
CA LEU B 25 -6.09 -19.69 -1.97
C LEU B 25 -6.25 -19.96 -0.47
N ASP B 26 -5.22 -20.55 0.12
CA ASP B 26 -5.21 -20.84 1.55
C ASP B 26 -4.57 -19.71 2.37
N ASN B 27 -3.88 -18.81 1.69
CA ASN B 27 -3.13 -17.76 2.39
C ASN B 27 -4.02 -16.54 2.64
N ASP B 28 -4.14 -16.14 3.89
CA ASP B 28 -5.11 -15.09 4.22
C ASP B 28 -4.76 -13.72 3.58
N PHE B 29 -3.49 -13.51 3.24
CA PHE B 29 -3.09 -12.22 2.66
C PHE B 29 -3.16 -12.14 1.14
N MET B 30 -3.46 -13.27 0.50
CA MET B 30 -3.41 -13.38 -0.95
C MET B 30 -4.61 -14.11 -1.55
N LYS B 31 -5.40 -14.76 -0.71
CA LYS B 31 -6.50 -15.61 -1.18
C LYS B 31 -7.52 -14.86 -2.02
N ASN B 32 -7.51 -13.53 -1.94
CA ASN B 32 -8.48 -12.69 -2.64
C ASN B 32 -7.94 -12.03 -3.90
N LEU B 33 -6.84 -12.58 -4.43
CA LEU B 33 -6.35 -12.14 -5.72
C LEU B 33 -7.34 -12.63 -6.76
N GLU B 34 -7.40 -11.91 -7.88
CA GLU B 34 -8.23 -12.34 -8.98
C GLU B 34 -7.63 -13.64 -9.52
N LEU B 35 -8.48 -14.47 -10.11
CA LEU B 35 -8.05 -15.77 -10.57
C LEU B 35 -6.96 -15.64 -11.59
N SER B 36 -7.08 -14.65 -12.47
CA SER B 36 -6.08 -14.48 -13.54
C SER B 36 -4.70 -14.17 -12.94
N GLN B 37 -4.70 -13.44 -11.82
CA GLN B 37 -3.44 -13.10 -11.16
C GLN B 37 -2.80 -14.33 -10.51
N ILE B 38 -3.64 -15.18 -9.91
CA ILE B 38 -3.17 -16.43 -9.33
C ILE B 38 -2.57 -17.29 -10.43
N GLN B 39 -3.23 -17.31 -11.57
CA GLN B 39 -2.75 -18.10 -12.70
C GLN B 39 -1.37 -17.59 -13.13
N GLU B 40 -1.22 -16.27 -13.23
CA GLU B 40 0.04 -15.69 -13.69
C GLU B 40 1.15 -15.96 -12.70
N ILE B 41 0.84 -15.85 -11.42
CA ILE B 41 1.80 -16.17 -10.40
C ILE B 41 2.21 -17.63 -10.57
N VAL B 42 1.23 -18.51 -10.76
CA VAL B 42 1.47 -19.95 -10.91
C VAL B 42 2.50 -20.26 -12.00
N ASP B 43 2.32 -19.67 -13.17
CA ASP B 43 3.20 -19.97 -14.31
C ASP B 43 4.58 -19.34 -14.15
N CYS B 44 4.63 -18.26 -13.38
CA CYS B 44 5.81 -17.43 -13.24
CA CYS B 44 5.83 -17.44 -13.25
C CYS B 44 6.88 -18.01 -12.31
N MET B 45 6.44 -18.79 -11.33
CA MET B 45 7.35 -19.25 -10.29
C MET B 45 8.38 -20.26 -10.80
N TYR B 46 9.60 -20.09 -10.32
CA TYR B 46 10.66 -20.95 -10.75
C TYR B 46 11.07 -21.77 -9.54
N PRO B 47 11.63 -22.95 -9.79
CA PRO B 47 11.92 -23.85 -8.67
C PRO B 47 13.22 -23.50 -7.94
N VAL B 48 13.23 -23.71 -6.64
CA VAL B 48 14.38 -23.43 -5.78
C VAL B 48 14.45 -24.48 -4.68
N GLU B 49 15.67 -24.93 -4.38
CA GLU B 49 15.87 -25.88 -3.30
C GLU B 49 16.85 -25.38 -2.25
N TYR B 50 16.69 -25.87 -1.02
CA TYR B 50 17.67 -25.64 0.04
C TYR B 50 17.88 -26.95 0.79
N GLY B 51 19.08 -27.14 1.31
CA GLY B 51 19.36 -28.33 2.09
C GLY B 51 18.95 -28.13 3.53
N LYS B 52 18.97 -29.20 4.32
CA LYS B 52 18.70 -29.10 5.75
C LYS B 52 19.54 -28.02 6.41
N ASP B 53 19.01 -27.41 7.47
CA ASP B 53 19.75 -26.41 8.24
C ASP B 53 20.24 -25.25 7.37
N SER B 54 19.38 -24.78 6.48
CA SER B 54 19.68 -23.57 5.73
C SER B 54 18.71 -22.48 6.14
N CYS B 55 19.17 -21.24 6.09
CA CYS B 55 18.29 -20.11 6.36
C CYS B 55 17.81 -19.48 5.05
N ILE B 56 16.53 -19.68 4.74
CA ILE B 56 15.93 -19.14 3.53
C ILE B 56 15.70 -17.62 3.68
N ILE B 57 15.23 -17.21 4.84
CA ILE B 57 14.88 -15.82 5.09
C ILE B 57 15.40 -15.37 6.44
N LYS B 58 16.13 -14.28 6.47
CA LYS B 58 16.57 -13.68 7.72
C LYS B 58 15.74 -12.44 8.01
N GLU B 59 15.19 -12.35 9.20
CA GLU B 59 14.38 -11.18 9.56
C GLU B 59 15.23 -9.91 9.47
N GLY B 60 14.62 -8.83 9.00
CA GLY B 60 15.34 -7.57 8.88
C GLY B 60 15.90 -7.35 7.50
N ASP B 61 16.06 -8.45 6.76
CA ASP B 61 16.58 -8.40 5.40
C ASP B 61 15.56 -7.85 4.42
N VAL B 62 16.06 -7.37 3.29
CA VAL B 62 15.21 -7.03 2.17
C VAL B 62 14.55 -8.27 1.63
N GLY B 63 13.24 -8.21 1.43
CA GLY B 63 12.53 -9.32 0.85
C GLY B 63 12.53 -9.11 -0.63
N SER B 64 12.70 -10.19 -1.39
CA SER B 64 12.67 -10.11 -2.84
C SER B 64 11.80 -11.23 -3.40
N LEU B 65 11.82 -12.38 -2.73
CA LEU B 65 11.13 -13.56 -3.24
C LEU B 65 9.95 -13.98 -2.39
N VAL B 66 8.89 -14.46 -3.05
CA VAL B 66 7.76 -15.05 -2.37
C VAL B 66 7.80 -16.53 -2.67
N TYR B 67 7.62 -17.35 -1.65
CA TYR B 67 7.76 -18.80 -1.77
C TYR B 67 6.48 -19.60 -1.57
N VAL B 68 6.43 -20.74 -2.23
CA VAL B 68 5.47 -21.78 -1.92
C VAL B 68 6.26 -23.07 -1.76
N MET B 69 6.08 -23.73 -0.62
CA MET B 69 6.79 -24.99 -0.39
C MET B 69 6.03 -26.16 -0.99
N GLU B 70 6.72 -26.95 -1.82
CA GLU B 70 6.13 -28.16 -2.38
C GLU B 70 6.53 -29.37 -1.54
N ASP B 71 7.80 -29.38 -1.12
CA ASP B 71 8.33 -30.45 -0.27
C ASP B 71 9.22 -29.94 0.87
N GLY B 72 9.04 -30.50 2.06
CA GLY B 72 9.92 -30.22 3.19
C GLY B 72 9.24 -29.54 4.38
N LYS B 73 10.06 -28.94 5.24
CA LYS B 73 9.58 -28.38 6.48
C LYS B 73 10.48 -27.24 6.92
N VAL B 74 9.88 -26.13 7.34
CA VAL B 74 10.67 -25.01 7.79
C VAL B 74 10.23 -24.56 9.16
N GLU B 75 11.10 -23.83 9.85
CA GLU B 75 10.75 -23.28 11.14
C GLU B 75 10.78 -21.76 11.06
N VAL B 76 9.76 -21.15 11.63
CA VAL B 76 9.60 -19.71 11.60
C VAL B 76 9.85 -19.15 12.99
N THR B 77 10.84 -18.27 13.10
CA THR B 77 11.15 -17.65 14.39
C THR B 77 11.12 -16.13 14.25
N LYS B 78 10.88 -15.45 15.37
CA LYS B 78 10.98 -14.01 15.43
C LYS B 78 11.59 -13.64 16.76
N GLU B 79 12.69 -12.87 16.72
CA GLU B 79 13.41 -12.48 17.92
C GLU B 79 13.69 -13.70 18.80
N GLY B 80 14.07 -14.80 18.16
CA GLY B 80 14.38 -16.03 18.87
C GLY B 80 13.18 -16.84 19.32
N VAL B 81 11.98 -16.27 19.24
CA VAL B 81 10.79 -17.00 19.68
C VAL B 81 10.29 -17.86 18.52
N LYS B 82 10.04 -19.13 18.79
CA LYS B 82 9.47 -20.03 17.80
C LYS B 82 8.01 -19.61 17.53
N LEU B 83 7.68 -19.38 16.27
CA LEU B 83 6.30 -18.99 15.91
C LEU B 83 5.50 -20.18 15.40
N CYS B 84 6.11 -20.98 14.52
CA CYS B 84 5.50 -22.21 14.01
C CYS B 84 6.48 -22.98 13.14
N THR B 85 6.03 -24.14 12.69
CA THR B 85 6.67 -24.83 11.60
C THR B 85 5.67 -24.80 10.46
N MET B 86 6.16 -24.92 9.23
CA MET B 86 5.29 -24.96 8.07
C MET B 86 5.66 -26.14 7.17
N GLY B 87 4.65 -26.80 6.62
CA GLY B 87 4.88 -27.90 5.72
C GLY B 87 4.55 -27.49 4.31
N PRO B 88 4.43 -28.48 3.41
CA PRO B 88 4.09 -28.25 2.00
C PRO B 88 2.77 -27.53 1.80
N GLY B 89 2.65 -26.74 0.74
CA GLY B 89 1.39 -26.11 0.41
C GLY B 89 1.13 -24.80 1.12
N LYS B 90 2.16 -24.25 1.73
CA LYS B 90 2.04 -22.99 2.43
C LYS B 90 2.86 -21.93 1.72
N VAL B 91 2.29 -20.74 1.63
CA VAL B 91 3.03 -19.57 1.21
C VAL B 91 3.82 -19.04 2.39
N PHE B 92 5.05 -18.63 2.14
CA PHE B 92 5.72 -17.74 3.09
C PHE B 92 6.61 -16.77 2.35
N GLY B 93 6.93 -15.65 3.00
CA GLY B 93 7.76 -14.62 2.43
C GLY B 93 6.98 -13.60 1.61
N GLU B 94 5.67 -13.58 1.78
CA GLU B 94 4.83 -12.65 1.02
C GLU B 94 4.68 -11.30 1.73
N LEU B 95 4.89 -11.26 3.04
CA LEU B 95 4.61 -10.05 3.79
C LEU B 95 5.52 -8.91 3.34
N ALA B 96 6.81 -9.19 3.23
CA ALA B 96 7.77 -8.17 2.83
C ALA B 96 7.42 -7.58 1.46
N ILE B 97 6.84 -8.41 0.60
CA ILE B 97 6.53 -7.99 -0.76
C ILE B 97 5.19 -7.27 -0.85
N LEU B 98 4.21 -7.79 -0.13
CA LEU B 98 2.88 -7.19 -0.11
C LEU B 98 2.89 -5.85 0.57
N TYR B 99 3.71 -5.71 1.60
CA TYR B 99 3.60 -4.57 2.49
C TYR B 99 4.84 -3.69 2.47
N ASN B 100 5.73 -3.97 1.53
CA ASN B 100 6.95 -3.20 1.34
C ASN B 100 7.70 -2.86 2.60
N CYS B 101 8.01 -3.90 3.37
CA CYS B 101 8.79 -3.81 4.59
C CYS B 101 9.90 -4.84 4.57
N THR B 102 10.78 -4.82 5.57
CA THR B 102 11.78 -5.87 5.68
C THR B 102 11.11 -7.15 6.17
N ARG B 103 11.81 -8.26 5.99
CA ARG B 103 11.33 -9.55 6.44
C ARG B 103 10.96 -9.50 7.92
N THR B 104 9.76 -9.96 8.25
CA THR B 104 9.21 -9.79 9.59
C THR B 104 9.52 -10.97 10.51
N ALA B 105 10.17 -11.98 9.96
CA ALA B 105 10.52 -13.18 10.73
C ALA B 105 11.60 -13.97 10.00
N THR B 106 12.11 -15.01 10.66
CA THR B 106 13.15 -15.83 10.06
C THR B 106 12.63 -17.23 9.69
N VAL B 107 13.01 -17.71 8.52
CA VAL B 107 12.62 -19.04 8.06
C VAL B 107 13.83 -19.93 7.78
N LYS B 108 13.91 -21.08 8.47
CA LYS B 108 15.03 -21.99 8.30
C LYS B 108 14.54 -23.38 7.95
N THR B 109 15.31 -24.09 7.14
CA THR B 109 14.95 -25.45 6.75
C THR B 109 15.25 -26.42 7.88
N LEU B 110 14.35 -27.39 8.06
CA LEU B 110 14.54 -28.45 9.05
C LEU B 110 14.99 -29.70 8.31
N VAL B 111 14.69 -29.72 7.01
CA VAL B 111 15.11 -30.78 6.10
C VAL B 111 15.44 -30.16 4.74
N ASN B 112 15.87 -30.98 3.80
CA ASN B 112 16.00 -30.54 2.42
C ASN B 112 14.63 -30.06 1.93
N VAL B 113 14.57 -28.91 1.28
CA VAL B 113 13.27 -28.42 0.82
C VAL B 113 13.21 -28.10 -0.66
N LYS B 114 11.99 -28.15 -1.19
CA LYS B 114 11.72 -27.79 -2.57
C LYS B 114 10.71 -26.66 -2.62
N LEU B 115 11.16 -25.50 -3.09
CA LEU B 115 10.29 -24.33 -3.12
C LEU B 115 9.98 -23.92 -4.55
N TRP B 116 8.89 -23.19 -4.69
CA TRP B 116 8.63 -22.42 -5.89
C TRP B 116 8.75 -20.95 -5.50
N ALA B 117 9.41 -20.15 -6.31
CA ALA B 117 9.66 -18.76 -5.93
C ALA B 117 9.31 -17.75 -7.03
N ILE B 118 8.82 -16.58 -6.63
CA ILE B 118 8.57 -15.49 -7.56
C ILE B 118 9.23 -14.23 -7.01
N ASP B 119 9.97 -13.51 -7.86
CA ASP B 119 10.65 -12.31 -7.38
C ASP B 119 9.67 -11.13 -7.28
N ARG B 120 10.13 -10.07 -6.63
CA ARG B 120 9.28 -8.94 -6.28
C ARG B 120 8.74 -8.21 -7.49
N GLN B 121 9.60 -7.99 -8.47
CA GLN B 121 9.19 -7.27 -9.68
C GLN B 121 8.10 -8.01 -10.45
N CYS B 122 8.22 -9.33 -10.57
CA CYS B 122 7.17 -10.09 -11.24
C CYS B 122 5.88 -9.98 -10.48
N PHE B 123 5.97 -10.18 -9.16
CA PHE B 123 4.82 -10.13 -8.29
C PHE B 123 4.11 -8.78 -8.42
N GLN B 124 4.88 -7.70 -8.39
CA GLN B 124 4.28 -6.37 -8.45
C GLN B 124 3.65 -6.11 -9.82
N THR B 125 4.29 -6.61 -10.86
CA THR B 125 3.74 -6.51 -12.21
C THR B 125 2.38 -7.19 -12.26
N ILE B 126 2.31 -8.40 -11.72
CA ILE B 126 1.07 -9.16 -11.72
C ILE B 126 -0.01 -8.49 -10.85
N MET B 127 0.39 -7.87 -9.75
CA MET B 127 -0.56 -7.22 -8.83
C MET B 127 -1.35 -6.13 -9.52
N MET B 128 -0.79 -5.59 -10.59
CA MET B 128 -1.39 -4.50 -11.32
C MET B 128 -2.20 -4.99 -12.53
N ARG B 129 -2.13 -6.29 -12.80
CA ARG B 129 -2.88 -6.86 -13.91
C ARG B 129 -4.27 -7.27 -13.42
N THR B 130 -5.10 -6.29 -13.10
CA THR B 130 -6.47 -6.52 -12.63
C THR B 130 -7.48 -6.16 -13.71
N GLY B 131 -8.71 -6.65 -13.55
CA GLY B 131 -9.78 -6.32 -14.46
C GLY B 131 -9.95 -4.82 -14.59
N LEU B 132 -9.93 -4.14 -13.44
CA LEU B 132 -10.12 -2.69 -13.39
C LEU B 132 -9.04 -1.94 -14.14
N ILE B 133 -7.79 -2.40 -14.04
CA ILE B 133 -6.72 -1.74 -14.75
C ILE B 133 -6.78 -2.03 -16.27
N LYS B 134 -7.09 -3.28 -16.65
CA LYS B 134 -7.23 -3.60 -18.09
C LYS B 134 -8.34 -2.72 -18.66
N HIS B 135 -9.46 -2.64 -17.94
CA HIS B 135 -10.58 -1.81 -18.35
C HIS B 135 -10.15 -0.35 -18.55
N THR B 136 -9.35 0.15 -17.61
CA THR B 136 -8.91 1.53 -17.68
C THR B 136 -8.00 1.77 -18.89
N GLU B 137 -7.12 0.82 -19.18
CA GLU B 137 -6.25 0.93 -20.35
C GLU B 137 -7.07 0.95 -21.65
N TYR B 138 -8.10 0.12 -21.73
CA TYR B 138 -9.01 0.15 -22.87
C TYR B 138 -9.65 1.53 -23.03
N MET B 139 -10.10 2.10 -21.92
CA MET B 139 -10.64 3.46 -21.90
C MET B 139 -9.62 4.48 -22.40
N GLU B 140 -8.40 4.40 -21.87
CA GLU B 140 -7.36 5.36 -22.28
C GLU B 140 -7.12 5.25 -23.78
N PHE B 141 -7.08 4.02 -24.30
CA PHE B 141 -6.84 3.83 -25.72
C PHE B 141 -7.97 4.45 -26.53
N LEU B 142 -9.20 4.12 -26.17
CA LEU B 142 -10.37 4.62 -26.88
C LEU B 142 -10.38 6.15 -26.91
N LYS B 143 -10.01 6.77 -25.80
CA LYS B 143 -9.97 8.22 -25.71
C LYS B 143 -8.92 8.80 -26.66
N SER B 144 -7.95 7.98 -27.04
CA SER B 144 -6.95 8.40 -28.00
C SER B 144 -7.45 8.35 -29.44
N VAL B 145 -8.56 7.67 -29.68
CA VAL B 145 -9.13 7.56 -31.02
C VAL B 145 -10.19 8.60 -31.27
N PRO B 146 -9.92 9.53 -32.18
CA PRO B 146 -10.72 10.75 -32.35
C PRO B 146 -12.19 10.43 -32.61
N THR B 147 -12.45 9.35 -33.32
CA THR B 147 -13.83 8.92 -33.56
C THR B 147 -14.56 8.59 -32.26
N PHE B 148 -13.83 8.07 -31.28
CA PHE B 148 -14.45 7.58 -30.05
C PHE B 148 -14.23 8.44 -28.81
N GLN B 149 -13.26 9.35 -28.82
CA GLN B 149 -13.01 10.14 -27.63
C GLN B 149 -14.21 10.97 -27.25
N SER B 150 -14.91 11.44 -28.27
CA SER B 150 -16.05 12.31 -28.10
C SER B 150 -17.30 11.60 -27.57
N LEU B 151 -17.29 10.28 -27.54
CA LEU B 151 -18.38 9.52 -26.95
C LEU B 151 -18.51 9.70 -25.43
N PRO B 152 -19.76 9.62 -24.93
CA PRO B 152 -19.98 9.74 -23.48
C PRO B 152 -19.23 8.66 -22.71
N GLU B 153 -18.90 8.93 -21.47
CA GLU B 153 -18.09 8.00 -20.71
C GLU B 153 -18.76 6.64 -20.54
N GLU B 154 -20.08 6.63 -20.41
CA GLU B 154 -20.83 5.39 -20.15
C GLU B 154 -20.72 4.44 -21.33
N ILE B 155 -20.69 5.01 -22.52
CA ILE B 155 -20.63 4.23 -23.74
C ILE B 155 -19.20 3.75 -23.98
N LEU B 156 -18.21 4.60 -23.71
CA LEU B 156 -16.82 4.14 -23.76
C LEU B 156 -16.63 2.98 -22.80
N SER B 157 -17.23 3.11 -21.62
CA SER B 157 -17.09 2.09 -20.61
C SER B 157 -17.74 0.80 -21.05
N LYS B 158 -18.90 0.91 -21.69
CA LYS B 158 -19.59 -0.26 -22.20
C LYS B 158 -18.75 -0.91 -23.29
N LEU B 159 -18.11 -0.07 -24.10
CA LEU B 159 -17.19 -0.54 -25.13
C LEU B 159 -16.04 -1.29 -24.49
N ALA B 160 -15.39 -0.66 -23.52
CA ALA B 160 -14.25 -1.26 -22.83
C ALA B 160 -14.62 -2.61 -22.21
N ASP B 161 -15.87 -2.75 -21.80
CA ASP B 161 -16.38 -3.98 -21.21
C ASP B 161 -16.37 -5.16 -22.19
N VAL B 162 -16.58 -4.89 -23.47
CA VAL B 162 -16.76 -5.96 -24.47
C VAL B 162 -15.58 -6.10 -25.44
N LEU B 163 -14.64 -5.16 -25.40
CA LEU B 163 -13.53 -5.18 -26.33
C LEU B 163 -12.66 -6.43 -26.19
N GLU B 164 -12.32 -7.01 -27.33
CA GLU B 164 -11.42 -8.16 -27.41
C GLU B 164 -10.16 -7.82 -28.16
N GLU B 165 -9.02 -8.18 -27.58
CA GLU B 165 -7.75 -8.01 -28.23
C GLU B 165 -7.37 -9.22 -29.11
N THR B 166 -7.15 -9.00 -30.40
CA THR B 166 -6.71 -10.07 -31.30
C THR B 166 -5.45 -9.66 -32.04
N HIS B 167 -4.60 -10.64 -32.33
CA HIS B 167 -3.31 -10.36 -32.98
C HIS B 167 -3.21 -11.00 -34.35
N TYR B 168 -2.53 -10.34 -35.26
CA TYR B 168 -2.37 -10.86 -36.61
C TYR B 168 -0.91 -10.79 -37.03
N GLU B 169 -0.46 -11.86 -37.69
CA GLU B 169 0.89 -11.94 -38.24
C GLU B 169 1.00 -11.17 -39.55
N ASN B 170 2.20 -10.76 -39.89
CA ASN B 170 2.42 -10.08 -41.15
C ASN B 170 1.96 -10.93 -42.33
N GLY B 171 1.12 -10.36 -43.18
CA GLY B 171 0.60 -11.07 -44.33
C GLY B 171 -0.74 -11.75 -44.05
N GLU B 172 -1.14 -11.82 -42.78
CA GLU B 172 -2.38 -12.51 -42.45
C GLU B 172 -3.60 -11.68 -42.88
N TYR B 173 -4.59 -12.33 -43.50
CA TYR B 173 -5.86 -11.69 -43.83
C TYR B 173 -6.71 -11.52 -42.60
N ILE B 174 -6.95 -10.28 -42.22
CA ILE B 174 -7.87 -10.02 -41.13
C ILE B 174 -9.31 -10.11 -41.65
N ILE B 175 -9.51 -9.63 -42.87
CA ILE B 175 -10.78 -9.69 -43.57
C ILE B 175 -10.58 -10.08 -45.02
N ARG B 176 -11.38 -11.03 -45.49
CA ARG B 176 -11.45 -11.41 -46.90
C ARG B 176 -12.72 -10.90 -47.53
N GLN B 177 -12.58 -10.25 -48.67
CA GLN B 177 -13.71 -9.74 -49.44
C GLN B 177 -14.69 -10.85 -49.87
N GLY B 178 -15.99 -10.55 -49.80
CA GLY B 178 -17.01 -11.48 -50.24
C GLY B 178 -17.62 -12.39 -49.19
N ALA B 179 -16.97 -12.47 -48.03
CA ALA B 179 -17.45 -13.28 -46.91
C ALA B 179 -18.39 -12.46 -46.04
N ARG B 180 -19.22 -13.12 -45.25
CA ARG B 180 -19.98 -12.40 -44.24
C ARG B 180 -19.05 -11.88 -43.15
N GLY B 181 -19.51 -10.88 -42.40
CA GLY B 181 -18.71 -10.35 -41.32
C GLY B 181 -19.54 -10.09 -40.07
N ASP B 182 -18.88 -10.19 -38.93
CA ASP B 182 -19.54 -10.04 -37.64
C ASP B 182 -18.64 -9.27 -36.69
N THR B 183 -17.57 -8.70 -37.23
CA THR B 183 -16.61 -8.03 -36.39
C THR B 183 -16.26 -6.66 -36.91
N PHE B 184 -16.12 -5.71 -35.98
CA PHE B 184 -15.61 -4.37 -36.24
C PHE B 184 -14.24 -4.26 -35.59
N PHE B 185 -13.29 -3.61 -36.26
CA PHE B 185 -11.91 -3.67 -35.84
C PHE B 185 -11.33 -2.31 -35.54
N ILE B 186 -10.64 -2.18 -34.41
CA ILE B 186 -9.85 -0.99 -34.17
C ILE B 186 -8.40 -1.39 -34.00
N ILE B 187 -7.53 -0.74 -34.76
CA ILE B 187 -6.10 -1.04 -34.74
C ILE B 187 -5.38 -0.36 -33.57
N SER B 188 -4.87 -1.15 -32.64
CA SER B 188 -4.12 -0.61 -31.51
C SER B 188 -2.62 -0.68 -31.78
N LYS B 189 -2.24 -1.52 -32.73
CA LYS B 189 -0.83 -1.75 -33.03
C LYS B 189 -0.60 -2.20 -34.45
N GLY B 190 0.35 -1.55 -35.13
CA GLY B 190 0.75 -1.96 -36.47
C GLY B 190 0.01 -1.28 -37.60
N THR B 191 0.12 -1.84 -38.81
CA THR B 191 -0.55 -1.29 -39.98
C THR B 191 -1.18 -2.38 -40.85
N VAL B 192 -2.23 -2.01 -41.58
CA VAL B 192 -2.88 -2.94 -42.48
C VAL B 192 -2.96 -2.32 -43.88
N ASN B 193 -3.04 -3.18 -44.88
CA ASN B 193 -3.33 -2.75 -46.25
C ASN B 193 -4.76 -3.12 -46.63
N VAL B 194 -5.46 -2.21 -47.32
CA VAL B 194 -6.80 -2.51 -47.82
C VAL B 194 -6.79 -2.65 -49.34
N THR B 195 -7.20 -3.82 -49.82
CA THR B 195 -7.26 -4.07 -51.25
C THR B 195 -8.64 -4.57 -51.65
N ARG B 196 -8.96 -4.47 -52.93
CA ARG B 196 -10.28 -4.86 -53.43
C ARG B 196 -10.19 -5.40 -54.84
N GLU B 197 -10.96 -6.45 -55.14
CA GLU B 197 -11.04 -6.90 -56.52
C GLU B 197 -12.41 -6.52 -57.07
N ASP B 198 -12.39 -5.83 -58.20
CA ASP B 198 -13.59 -5.26 -58.78
C ASP B 198 -14.47 -6.27 -59.48
N SER B 199 -13.86 -7.15 -60.26
CA SER B 199 -14.58 -8.24 -60.89
C SER B 199 -13.92 -9.58 -60.56
N PRO B 200 -14.59 -10.69 -60.91
CA PRO B 200 -14.00 -11.98 -60.61
C PRO B 200 -12.84 -12.25 -61.56
N SER B 201 -11.94 -13.17 -61.19
CA SER B 201 -10.81 -13.53 -62.05
C SER B 201 -9.81 -12.38 -62.20
N GLU B 202 -9.81 -11.48 -61.22
CA GLU B 202 -8.92 -10.31 -61.26
C GLU B 202 -8.03 -10.24 -60.03
N ASP B 203 -6.92 -9.52 -60.14
CA ASP B 203 -6.04 -9.29 -59.00
C ASP B 203 -6.55 -8.08 -58.22
N PRO B 204 -6.53 -8.16 -56.86
CA PRO B 204 -7.08 -7.07 -56.03
C PRO B 204 -6.29 -5.79 -56.21
N VAL B 205 -6.96 -4.65 -56.16
CA VAL B 205 -6.25 -3.37 -56.26
C VAL B 205 -6.08 -2.76 -54.89
N PHE B 206 -4.93 -2.12 -54.67
CA PHE B 206 -4.64 -1.46 -53.41
C PHE B 206 -5.49 -0.22 -53.26
N LEU B 207 -6.11 -0.06 -52.10
CA LEU B 207 -6.92 1.12 -51.79
C LEU B 207 -6.23 2.08 -50.84
N ARG B 208 -5.80 1.57 -49.68
CA ARG B 208 -5.18 2.42 -48.68
C ARG B 208 -4.51 1.61 -47.60
N THR B 209 -3.78 2.32 -46.75
CA THR B 209 -3.09 1.72 -45.63
C THR B 209 -3.67 2.36 -44.39
N LEU B 210 -4.06 1.53 -43.42
CA LEU B 210 -4.58 2.03 -42.15
C LEU B 210 -3.61 1.67 -41.06
N GLY B 211 -3.59 2.48 -40.00
CA GLY B 211 -2.70 2.24 -38.89
C GLY B 211 -3.38 2.48 -37.56
N LYS B 212 -2.57 2.72 -36.53
CA LYS B 212 -3.07 2.78 -35.17
C LYS B 212 -4.15 3.86 -35.02
N GLY B 213 -5.26 3.49 -34.38
CA GLY B 213 -6.37 4.41 -34.20
C GLY B 213 -7.38 4.42 -35.35
N ASP B 214 -7.00 3.90 -36.51
CA ASP B 214 -7.97 3.71 -37.61
C ASP B 214 -8.84 2.50 -37.31
N TRP B 215 -9.97 2.41 -38.01
CA TRP B 215 -10.86 1.28 -37.83
C TRP B 215 -11.44 0.79 -39.15
N PHE B 216 -11.99 -0.42 -39.14
CA PHE B 216 -12.56 -1.01 -40.36
C PHE B 216 -13.51 -2.16 -40.04
N GLY B 217 -14.30 -2.55 -41.04
CA GLY B 217 -15.22 -3.67 -40.91
C GLY B 217 -16.66 -3.27 -40.65
N GLU B 218 -16.97 -1.99 -40.83
CA GLU B 218 -18.32 -1.49 -40.55
C GLU B 218 -19.29 -1.77 -41.69
N LYS B 219 -18.76 -1.85 -42.92
CA LYS B 219 -19.64 -1.95 -44.08
C LYS B 219 -20.51 -3.19 -44.03
N ALA B 220 -19.93 -4.31 -43.64
CA ALA B 220 -20.72 -5.53 -43.63
C ALA B 220 -21.69 -5.54 -42.44
N LEU B 221 -21.49 -4.64 -41.49
CA LEU B 221 -22.41 -4.54 -40.38
C LEU B 221 -23.51 -3.52 -40.66
N GLN B 222 -23.19 -2.54 -41.51
CA GLN B 222 -24.15 -1.53 -41.96
C GLN B 222 -24.51 -1.83 -43.39
N GLY B 223 -25.62 -2.50 -43.61
CA GLY B 223 -26.02 -2.77 -44.98
C GLY B 223 -26.03 -4.25 -45.26
N GLU B 224 -25.57 -4.65 -46.44
CA GLU B 224 -25.50 -6.07 -46.72
C GLU B 224 -24.36 -6.71 -45.96
N ASP B 225 -24.62 -7.92 -45.47
CA ASP B 225 -23.64 -8.63 -44.67
C ASP B 225 -22.62 -9.33 -45.57
N VAL B 226 -21.92 -8.54 -46.39
CA VAL B 226 -20.81 -9.03 -47.18
C VAL B 226 -19.63 -8.05 -47.10
N ARG B 227 -18.42 -8.57 -46.88
CA ARG B 227 -17.22 -7.74 -46.82
C ARG B 227 -16.94 -7.18 -48.19
N THR B 228 -16.64 -5.89 -48.27
CA THR B 228 -16.49 -5.23 -49.57
C THR B 228 -15.03 -5.05 -50.01
N ALA B 229 -14.10 -5.49 -49.16
CA ALA B 229 -12.68 -5.40 -49.48
C ALA B 229 -11.86 -6.30 -48.57
N ASN B 230 -10.60 -6.50 -48.94
CA ASN B 230 -9.66 -7.24 -48.11
C ASN B 230 -8.91 -6.33 -47.16
N VAL B 231 -8.68 -6.81 -45.94
CA VAL B 231 -7.81 -6.11 -45.01
C VAL B 231 -6.76 -7.11 -44.54
N ILE B 232 -5.51 -6.78 -44.84
CA ILE B 232 -4.38 -7.70 -44.64
C ILE B 232 -3.34 -7.06 -43.75
N ALA B 233 -2.89 -7.78 -42.72
CA ALA B 233 -1.86 -7.20 -41.84
C ALA B 233 -0.59 -6.92 -42.65
N ALA B 234 -0.08 -5.70 -42.55
CA ALA B 234 1.14 -5.34 -43.26
C ALA B 234 2.39 -5.48 -42.38
N GLU B 235 2.16 -5.78 -41.10
CA GLU B 235 3.23 -6.10 -40.15
C GLU B 235 2.54 -6.79 -38.96
N ALA B 236 3.23 -6.99 -37.85
CA ALA B 236 2.56 -7.54 -36.68
C ALA B 236 1.51 -6.54 -36.22
N VAL B 237 0.26 -6.99 -36.18
CA VAL B 237 -0.88 -6.10 -35.90
C VAL B 237 -1.67 -6.56 -34.69
N THR B 238 -2.08 -5.60 -33.86
CA THR B 238 -3.04 -5.89 -32.83
C THR B 238 -4.32 -5.09 -33.06
N CYS B 239 -5.45 -5.77 -33.03
CA CYS B 239 -6.74 -5.09 -33.09
C CYS B 239 -7.54 -5.29 -31.82
N LEU B 240 -8.24 -4.22 -31.43
CA LEU B 240 -9.34 -4.32 -30.49
C LEU B 240 -10.59 -4.51 -31.33
N VAL B 241 -11.33 -5.60 -31.09
CA VAL B 241 -12.44 -6.02 -31.95
C VAL B 241 -13.81 -6.00 -31.27
N ILE B 242 -14.86 -5.73 -32.04
CA ILE B 242 -16.22 -5.63 -31.50
C ILE B 242 -17.19 -6.48 -32.33
N ASP B 243 -17.98 -7.30 -31.65
CA ASP B 243 -18.92 -8.20 -32.32
C ASP B 243 -20.09 -7.40 -32.89
N ARG B 244 -20.87 -8.02 -33.78
CA ARG B 244 -21.92 -7.30 -34.50
C ARG B 244 -22.93 -6.63 -33.56
N ASP B 245 -23.43 -7.36 -32.56
CA ASP B 245 -24.47 -6.80 -31.67
C ASP B 245 -23.98 -5.57 -30.90
N SER B 246 -22.78 -5.66 -30.34
CA SER B 246 -22.16 -4.55 -29.62
C SER B 246 -22.01 -3.34 -30.53
N PHE B 247 -21.56 -3.59 -31.76
CA PHE B 247 -21.43 -2.55 -32.78
C PHE B 247 -22.77 -1.84 -32.98
N LYS B 248 -23.80 -2.64 -33.24
CA LYS B 248 -25.14 -2.13 -33.47
C LYS B 248 -25.64 -1.27 -32.31
N HIS B 249 -25.53 -1.78 -31.09
CA HIS B 249 -26.06 -1.06 -29.93
C HIS B 249 -25.25 0.16 -29.51
N LEU B 250 -23.93 0.09 -29.68
CA LEU B 250 -23.05 1.08 -29.08
C LEU B 250 -22.47 2.07 -30.07
N ILE B 251 -22.21 1.62 -31.30
CA ILE B 251 -21.45 2.40 -32.25
C ILE B 251 -22.28 2.70 -33.50
N GLY B 252 -23.24 1.82 -33.79
CA GLY B 252 -24.01 1.92 -35.02
C GLY B 252 -24.59 3.31 -35.27
N GLY B 253 -24.97 4.02 -34.21
CA GLY B 253 -25.48 5.37 -34.34
C GLY B 253 -24.52 6.42 -34.90
N LEU B 254 -23.23 6.36 -34.52
CA LEU B 254 -22.25 7.41 -34.80
C LEU B 254 -22.14 7.83 -36.26
N ASP B 255 -22.33 9.13 -36.50
CA ASP B 255 -22.26 9.68 -37.85
C ASP B 255 -20.92 9.39 -38.55
N ASP B 256 -19.81 9.59 -37.84
CA ASP B 256 -18.49 9.38 -38.44
C ASP B 256 -18.28 7.95 -38.92
N VAL B 257 -18.99 7.01 -38.29
CA VAL B 257 -18.89 5.60 -38.65
C VAL B 257 -20.02 5.21 -39.61
N SER B 258 -21.23 5.65 -39.31
CA SER B 258 -22.41 5.35 -40.12
C SER B 258 -22.33 5.90 -41.53
N ASN B 259 -21.88 7.14 -41.67
CA ASN B 259 -21.84 7.79 -42.97
C ASN B 259 -20.42 7.82 -43.55
N LYS B 260 -19.61 6.83 -43.20
CA LYS B 260 -18.24 6.77 -43.70
C LYS B 260 -18.17 6.51 -45.21
N ALA B 261 -17.39 7.35 -45.90
CA ALA B 261 -17.19 7.25 -47.34
C ALA B 261 -15.70 7.22 -47.65
N TYR B 262 -15.34 6.69 -48.82
CA TYR B 262 -13.94 6.48 -49.17
C TYR B 262 -13.52 7.11 -50.50
N SER C 3 6.35 21.15 -19.81
CA SER C 3 5.65 20.71 -18.61
C SER C 3 6.62 20.21 -17.55
N HIS C 4 6.86 21.03 -16.53
CA HIS C 4 7.70 20.66 -15.40
C HIS C 4 6.88 20.68 -14.11
N VAL C 5 7.24 19.85 -13.14
CA VAL C 5 6.49 19.77 -11.89
C VAL C 5 6.59 21.07 -11.11
N THR C 6 5.44 21.60 -10.68
CA THR C 6 5.41 22.80 -9.88
C THR C 6 5.59 22.44 -8.41
N LEU C 7 6.62 22.99 -7.79
CA LEU C 7 6.82 22.79 -6.35
C LEU C 7 5.81 23.59 -5.54
N PRO C 8 5.37 23.02 -4.40
CA PRO C 8 4.43 23.69 -3.50
C PRO C 8 5.12 24.73 -2.63
N PHE C 9 4.34 25.67 -2.09
CA PHE C 9 4.82 26.75 -1.25
C PHE C 9 4.01 26.72 0.04
N TYR C 10 4.70 26.75 1.18
CA TYR C 10 4.00 26.81 2.47
C TYR C 10 4.41 28.07 3.21
N PRO C 11 3.44 28.94 3.48
CA PRO C 11 3.68 30.17 4.24
C PRO C 11 4.27 29.85 5.58
N LYS C 12 5.17 30.69 6.05
CA LYS C 12 5.71 30.53 7.39
C LYS C 12 6.26 31.87 7.84
N SER C 13 6.46 32.02 9.14
CA SER C 13 6.97 33.26 9.71
C SER C 13 8.41 33.49 9.25
N PRO C 14 8.86 34.76 9.25
CA PRO C 14 10.27 35.04 8.94
C PRO C 14 11.21 34.34 9.92
N GLN C 15 10.82 34.24 11.19
CA GLN C 15 11.58 33.50 12.18
C GLN C 15 11.84 32.06 11.71
N SER C 16 10.80 31.38 11.25
CA SER C 16 10.95 29.99 10.84
C SER C 16 11.86 29.87 9.62
N LYS C 17 11.66 30.76 8.65
CA LYS C 17 12.44 30.76 7.44
C LYS C 17 13.93 30.80 7.77
N ASP C 18 14.28 31.73 8.65
CA ASP C 18 15.67 31.92 9.05
C ASP C 18 16.18 30.74 9.82
N LEU C 19 15.33 30.17 10.66
CA LEU C 19 15.74 29.02 11.43
C LEU C 19 16.02 27.83 10.51
N ILE C 20 15.16 27.65 9.51
CA ILE C 20 15.35 26.55 8.59
C ILE C 20 16.68 26.72 7.87
N LYS C 21 16.88 27.91 7.30
CA LYS C 21 18.12 28.25 6.61
C LYS C 21 19.35 27.97 7.48
N GLU C 22 19.29 28.37 8.73
CA GLU C 22 20.44 28.20 9.62
C GLU C 22 20.63 26.74 10.02
N ALA C 23 19.53 26.00 10.20
CA ALA C 23 19.66 24.60 10.55
C ALA C 23 20.39 23.88 9.41
N ILE C 24 20.03 24.22 8.19
CA ILE C 24 20.66 23.61 7.01
C ILE C 24 22.15 23.95 6.92
N LEU C 25 22.50 25.21 7.14
CA LEU C 25 23.89 25.61 7.10
C LEU C 25 24.72 24.98 8.22
N ASP C 26 24.04 24.44 9.22
CA ASP C 26 24.69 23.86 10.39
C ASP C 26 24.91 22.36 10.21
N ASN C 27 24.18 21.79 9.27
CA ASN C 27 24.25 20.35 9.03
C ASN C 27 25.46 20.03 8.18
N ASP C 28 26.24 19.05 8.62
CA ASP C 28 27.49 18.72 7.95
C ASP C 28 27.35 18.19 6.52
N PHE C 29 26.16 17.75 6.16
CA PHE C 29 26.00 17.06 4.89
C PHE C 29 25.22 17.83 3.85
N MET C 30 24.68 18.98 4.25
CA MET C 30 23.97 19.82 3.29
C MET C 30 24.27 21.31 3.47
N LYS C 31 25.31 21.63 4.22
CA LYS C 31 25.65 23.04 4.46
C LYS C 31 26.23 23.68 3.20
N ASN C 32 26.71 22.83 2.29
CA ASN C 32 27.27 23.32 1.02
C ASN C 32 26.28 23.18 -0.14
N LEU C 33 25.08 23.73 0.08
CA LEU C 33 24.08 23.91 -0.95
C LEU C 33 24.10 25.38 -1.35
N GLU C 34 23.60 25.67 -2.54
CA GLU C 34 23.45 27.06 -2.95
C GLU C 34 22.39 27.71 -2.08
N LEU C 35 22.62 28.98 -1.70
CA LEU C 35 21.66 29.75 -0.93
C LEU C 35 20.31 29.73 -1.60
N SER C 36 20.35 29.78 -2.93
CA SER C 36 19.14 29.71 -3.76
C SER C 36 18.41 28.41 -3.53
N GLN C 37 19.17 27.33 -3.42
CA GLN C 37 18.61 26.00 -3.15
C GLN C 37 18.08 25.93 -1.73
N ILE C 38 18.80 26.52 -0.79
CA ILE C 38 18.32 26.57 0.56
C ILE C 38 16.99 27.32 0.61
N GLN C 39 16.89 28.39 -0.17
CA GLN C 39 15.68 29.19 -0.22
C GLN C 39 14.52 28.35 -0.76
N GLU C 40 14.79 27.55 -1.78
CA GLU C 40 13.76 26.66 -2.33
C GLU C 40 13.30 25.64 -1.30
N ILE C 41 14.24 25.12 -0.53
CA ILE C 41 13.88 24.18 0.52
C ILE C 41 13.03 24.84 1.58
N VAL C 42 13.42 26.05 1.98
CA VAL C 42 12.71 26.80 3.01
C VAL C 42 11.24 26.96 2.61
N ASP C 43 10.99 27.22 1.34
CA ASP C 43 9.64 27.49 0.88
C ASP C 43 8.83 26.20 0.70
N CYS C 44 9.53 25.08 0.49
CA CYS C 44 8.88 23.78 0.26
C CYS C 44 8.62 23.06 1.57
N MET C 45 9.11 23.62 2.67
CA MET C 45 8.89 22.94 3.94
C MET C 45 7.53 23.23 4.52
N TYR C 46 6.88 22.16 4.99
CA TYR C 46 5.56 22.34 5.57
C TYR C 46 5.58 21.93 7.07
N PRO C 47 4.59 22.38 7.85
CA PRO C 47 4.71 22.13 9.29
C PRO C 47 4.22 20.76 9.74
N VAL C 48 4.91 20.20 10.74
CA VAL C 48 4.54 18.93 11.36
C VAL C 48 4.69 19.06 12.86
N GLU C 49 3.78 18.46 13.61
CA GLU C 49 3.83 18.48 15.06
C GLU C 49 3.71 17.07 15.64
N TYR C 50 4.34 16.84 16.77
CA TYR C 50 4.24 15.56 17.47
C TYR C 50 4.19 15.76 18.96
N GLY C 51 3.44 14.92 19.64
CA GLY C 51 3.47 14.91 21.09
C GLY C 51 4.71 14.20 21.60
N LYS C 52 4.90 14.35 22.91
CA LYS C 52 5.87 13.60 23.68
C LYS C 52 5.83 12.09 23.35
N ASP C 53 6.95 11.40 23.53
CA ASP C 53 7.01 9.93 23.42
C ASP C 53 6.45 9.38 22.09
N SER C 54 6.72 10.08 20.99
CA SER C 54 6.32 9.61 19.67
C SER C 54 7.54 9.21 18.83
N CYS C 55 7.39 8.13 18.09
CA CYS C 55 8.45 7.72 17.18
C CYS C 55 8.29 8.41 15.83
N ILE C 56 9.14 9.38 15.54
CA ILE C 56 9.05 10.13 14.28
C ILE C 56 9.63 9.31 13.13
N ILE C 57 10.83 8.79 13.36
CA ILE C 57 11.62 8.06 12.38
C ILE C 57 12.01 6.71 12.96
N LYS C 58 11.83 5.63 12.22
CA LYS C 58 12.27 4.33 12.72
C LYS C 58 13.37 3.69 11.85
N GLU C 59 14.51 3.36 12.47
CA GLU C 59 15.64 2.79 11.74
C GLU C 59 15.20 1.58 10.93
N GLY C 60 15.75 1.47 9.73
CA GLY C 60 15.41 0.37 8.86
C GLY C 60 14.37 0.74 7.84
N ASP C 61 13.56 1.75 8.15
CA ASP C 61 12.48 2.21 7.27
C ASP C 61 12.96 2.97 6.04
N VAL C 62 12.17 2.93 4.97
CA VAL C 62 12.39 3.81 3.84
C VAL C 62 11.90 5.19 4.24
N GLY C 63 12.76 6.19 4.10
CA GLY C 63 12.42 7.55 4.47
C GLY C 63 12.14 8.38 3.24
N SER C 64 11.19 9.31 3.33
CA SER C 64 10.98 10.22 2.21
C SER C 64 10.76 11.65 2.66
N LEU C 65 11.08 11.93 3.92
CA LEU C 65 11.00 13.29 4.44
C LEU C 65 12.28 13.70 5.13
N VAL C 66 12.75 14.92 4.86
CA VAL C 66 13.77 15.58 5.70
C VAL C 66 13.15 16.62 6.63
N TYR C 67 13.65 16.67 7.85
CA TYR C 67 13.06 17.45 8.93
C TYR C 67 14.00 18.54 9.42
N VAL C 68 13.42 19.67 9.81
CA VAL C 68 14.13 20.66 10.59
C VAL C 68 13.34 20.88 11.89
N MET C 69 13.99 20.73 13.04
CA MET C 69 13.27 20.97 14.27
C MET C 69 13.31 22.44 14.64
N GLU C 70 12.14 23.05 14.88
CA GLU C 70 12.09 24.44 15.32
C GLU C 70 11.90 24.53 16.85
N ASP C 71 11.05 23.69 17.44
CA ASP C 71 10.83 23.61 18.89
CA ASP C 71 11.12 23.57 18.88
C ASP C 71 10.85 22.16 19.38
N GLY C 72 11.42 21.91 20.55
CA GLY C 72 11.31 20.60 21.16
C GLY C 72 12.64 19.93 21.35
N LYS C 73 12.60 18.62 21.46
CA LYS C 73 13.80 17.86 21.76
C LYS C 73 13.57 16.43 21.38
N VAL C 74 14.45 15.88 20.57
CA VAL C 74 14.33 14.47 20.22
C VAL C 74 15.52 13.65 20.70
N GLU C 75 15.32 12.34 20.76
CA GLU C 75 16.39 11.44 21.08
C GLU C 75 16.64 10.48 19.94
N VAL C 76 17.90 10.38 19.54
CA VAL C 76 18.28 9.52 18.42
C VAL C 76 18.92 8.23 18.92
N THR C 77 18.42 7.09 18.44
CA THR C 77 19.02 5.82 18.82
C THR C 77 19.24 4.86 17.65
N LYS C 78 20.25 4.00 17.81
CA LYS C 78 20.45 2.87 16.91
C LYS C 78 20.51 1.59 17.74
N GLU C 79 19.61 0.66 17.44
CA GLU C 79 19.47 -0.58 18.19
C GLU C 79 19.42 -0.35 19.69
N GLY C 80 18.77 0.73 20.10
CA GLY C 80 18.63 1.02 21.51
C GLY C 80 19.72 1.86 22.15
N VAL C 81 20.93 1.86 21.59
CA VAL C 81 21.95 2.71 22.19
C VAL C 81 21.70 4.16 21.75
N LYS C 82 22.06 5.11 22.62
CA LYS C 82 21.84 6.52 22.36
C LYS C 82 22.93 7.12 21.48
N LEU C 83 22.54 7.85 20.44
CA LEU C 83 23.48 8.50 19.52
C LEU C 83 23.67 9.98 19.85
N CYS C 84 22.57 10.62 20.24
CA CYS C 84 22.55 12.00 20.73
C CYS C 84 21.12 12.39 21.03
N THR C 85 20.97 13.60 21.56
CA THR C 85 19.68 14.29 21.54
C THR C 85 19.83 15.52 20.66
N MET C 86 18.73 16.00 20.13
CA MET C 86 18.79 17.17 19.27
C MET C 86 17.71 18.17 19.66
N GLY C 87 18.07 19.46 19.63
CA GLY C 87 17.11 20.50 19.93
C GLY C 87 16.81 21.38 18.74
N PRO C 88 16.30 22.59 19.02
CA PRO C 88 15.97 23.60 18.00
C PRO C 88 17.13 23.94 17.06
N GLY C 89 16.79 24.15 15.79
CA GLY C 89 17.76 24.55 14.78
C GLY C 89 18.56 23.40 14.21
N LYS C 90 18.01 22.19 14.25
CA LYS C 90 18.73 21.02 13.74
C LYS C 90 17.98 20.28 12.64
N VAL C 91 18.74 19.84 11.65
CA VAL C 91 18.21 18.96 10.62
C VAL C 91 18.29 17.51 11.08
N PHE C 92 17.27 16.71 10.79
CA PHE C 92 17.41 15.27 10.93
C PHE C 92 16.58 14.54 9.88
N GLY C 93 16.97 13.31 9.56
CA GLY C 93 16.35 12.55 8.48
C GLY C 93 16.87 12.90 7.10
N GLU C 94 18.05 13.50 7.03
CA GLU C 94 18.59 13.85 5.74
C GLU C 94 19.40 12.67 5.17
N LEU C 95 19.95 11.85 6.05
CA LEU C 95 20.83 10.77 5.59
C LEU C 95 20.13 9.84 4.60
N ALA C 96 18.96 9.33 4.95
CA ALA C 96 18.19 8.47 4.06
C ALA C 96 18.00 9.08 2.68
N ILE C 97 17.76 10.38 2.66
CA ILE C 97 17.38 11.03 1.42
C ILE C 97 18.61 11.36 0.57
N LEU C 98 19.66 11.87 1.21
CA LEU C 98 20.89 12.20 0.49
C LEU C 98 21.53 10.96 -0.11
N TYR C 99 21.46 9.84 0.60
CA TYR C 99 22.33 8.71 0.33
C TYR C 99 21.56 7.45 -0.06
N ASN C 100 20.26 7.63 -0.31
CA ASN C 100 19.38 6.56 -0.79
C ASN C 100 19.51 5.24 -0.02
N CYS C 101 19.73 5.37 1.28
CA CYS C 101 19.72 4.25 2.19
C CYS C 101 18.48 4.34 3.09
N THR C 102 18.20 3.29 3.87
CA THR C 102 17.08 3.34 4.82
C THR C 102 17.48 4.16 6.03
N ARG C 103 16.50 4.54 6.87
CA ARG C 103 16.80 5.33 8.05
C ARG C 103 17.88 4.62 8.87
N THR C 104 18.89 5.38 9.29
CA THR C 104 20.08 4.78 9.90
C THR C 104 19.98 4.76 11.42
N ALA C 105 18.95 5.41 11.95
CA ALA C 105 18.73 5.44 13.38
C ALA C 105 17.28 5.77 13.64
N THR C 106 16.89 5.71 14.91
CA THR C 106 15.51 5.97 15.28
C THR C 106 15.40 7.29 16.04
N VAL C 107 14.41 8.09 15.67
CA VAL C 107 14.23 9.41 16.25
C VAL C 107 12.92 9.53 17.03
N LYS C 108 13.03 9.72 18.34
CA LYS C 108 11.84 9.76 19.18
C LYS C 108 11.78 11.10 19.91
N THR C 109 10.57 11.58 20.18
CA THR C 109 10.37 12.87 20.86
C THR C 109 10.50 12.71 22.38
N LEU C 110 11.05 13.72 23.04
CA LEU C 110 11.07 13.74 24.50
C LEU C 110 10.05 14.73 25.03
N VAL C 111 9.77 15.76 24.23
CA VAL C 111 8.70 16.71 24.51
C VAL C 111 7.89 16.95 23.25
N ASN C 112 6.88 17.81 23.36
CA ASN C 112 6.20 18.32 22.17
C ASN C 112 7.20 18.90 21.17
N VAL C 113 7.03 18.59 19.89
CA VAL C 113 7.90 19.19 18.88
C VAL C 113 7.12 19.86 17.72
N LYS C 114 7.66 20.97 17.22
CA LYS C 114 7.20 21.56 15.97
C LYS C 114 8.34 21.41 14.99
N LEU C 115 8.08 20.68 13.90
CA LEU C 115 9.08 20.45 12.87
C LEU C 115 8.65 21.11 11.58
N TRP C 116 9.61 21.27 10.69
CA TRP C 116 9.34 21.57 9.30
C TRP C 116 9.77 20.36 8.48
N ALA C 117 8.92 19.94 7.56
CA ALA C 117 9.27 18.79 6.70
C ALA C 117 9.31 19.16 5.23
N ILE C 118 10.19 18.48 4.49
CA ILE C 118 10.20 18.56 3.03
C ILE C 118 10.16 17.14 2.42
N ASP C 119 9.32 16.98 1.40
CA ASP C 119 9.19 15.69 0.77
C ASP C 119 10.41 15.39 -0.10
N ARG C 120 10.74 14.10 -0.18
CA ARG C 120 11.88 13.64 -0.92
C ARG C 120 11.86 14.18 -2.34
N GLN C 121 10.68 14.17 -2.95
CA GLN C 121 10.52 14.61 -4.33
C GLN C 121 10.94 16.09 -4.54
N CYS C 122 10.44 16.98 -3.70
CA CYS C 122 10.84 18.39 -3.74
C CYS C 122 12.34 18.55 -3.58
N PHE C 123 12.87 17.93 -2.53
CA PHE C 123 14.29 18.00 -2.22
C PHE C 123 15.16 17.57 -3.40
N GLN C 124 14.83 16.43 -4.00
CA GLN C 124 15.64 15.87 -5.08
C GLN C 124 15.57 16.73 -6.33
N THR C 125 14.40 17.31 -6.59
CA THR C 125 14.26 18.27 -7.68
C THR C 125 15.17 19.47 -7.46
N ILE C 126 15.21 19.98 -6.24
CA ILE C 126 15.97 21.18 -5.96
C ILE C 126 17.46 20.90 -6.15
N MET C 127 17.85 19.64 -5.96
CA MET C 127 19.22 19.21 -6.23
C MET C 127 19.45 18.98 -7.72
N MET C 128 18.46 18.35 -8.36
CA MET C 128 18.51 17.88 -9.75
C MET C 128 19.46 16.68 -9.85
PA PCG D . -0.83 8.22 -10.55
O1A PCG D . -0.52 7.35 -11.91
O2A PCG D . -0.07 7.92 -9.35
O5' PCG D . -0.56 9.68 -10.93
C5' PCG D . -1.43 10.01 -12.15
C4' PCG D . -2.84 10.06 -11.69
O4' PCG D . -3.95 10.52 -12.49
C3' PCG D . -3.28 8.67 -11.32
O3' PCG D . -2.44 8.04 -10.28
C2' PCG D . -4.76 8.78 -11.02
O2' PCG D . -5.07 8.78 -9.67
C1' PCG D . -5.17 9.98 -11.89
N9 PCG D . -6.12 9.61 -12.97
C8 PCG D . -7.41 10.25 -13.26
N7 PCG D . -8.05 9.47 -14.31
C5 PCG D . -7.03 8.54 -14.83
C6 PCG D . -7.06 7.59 -15.99
O6 PCG D . -8.21 7.51 -16.77
N1 PCG D . -5.95 6.82 -16.29
C2 PCG D . -4.78 6.91 -15.49
N2 PCG D . -3.64 6.07 -15.79
N3 PCG D . -4.74 7.86 -14.32
C4 PCG D . -5.86 8.62 -14.03
PA PCG E . -6.17 -9.36 41.51
O1A PCG E . -7.35 -9.80 40.74
O2A PCG E . -6.22 -9.64 43.13
O5' PCG E . -5.92 -7.87 41.29
C5' PCG E . -4.64 -7.46 42.04
C4' PCG E . -3.56 -8.06 41.23
O4' PCG E . -2.16 -7.71 41.35
C3' PCG E . -3.56 -9.54 41.51
O3' PCG E . -4.82 -10.16 41.07
C2' PCG E . -2.31 -10.11 40.88
O2' PCG E . -2.47 -10.64 39.62
C1' PCG E . -1.37 -8.91 41.02
N9 PCG E . -0.28 -9.13 41.98
C8 PCG E . 1.12 -8.83 41.71
N7 PCG E . 1.85 -9.20 42.90
C5 PCG E . 0.88 -9.56 43.94
C6 PCG E . 1.05 -9.93 45.39
O6 PCG E . 2.33 -9.97 45.97
N1 PCG E . -0.05 -10.22 46.17
C2 PCG E . -1.35 -10.17 45.61
N2 PCG E . -2.47 -10.46 46.47
N3 PCG E . -1.54 -9.82 44.16
C4 PCG E . -0.43 -9.53 43.39
PA PCG F . 8.02 -12.22 5.31
O1A PCG F . 8.18 -11.52 4.03
O2A PCG F . 7.84 -11.22 6.59
O5' PCG F . 9.21 -13.11 5.64
C5' PCG F . 8.90 -13.83 6.95
C4' PCG F . 7.87 -14.86 6.64
O4' PCG F . 7.49 -15.97 7.47
C3' PCG F . 6.59 -14.11 6.45
O3' PCG F . 6.69 -13.19 5.30
C2' PCG F . 5.49 -15.14 6.32
O2' PCG F . 5.09 -15.33 4.99
C1' PCG F . 6.10 -16.31 7.15
N9 PCG F . 5.39 -16.54 8.42
C8 PCG F . 4.96 -17.83 8.97
N7 PCG F . 4.05 -17.53 10.07
C5 PCG F . 4.34 -16.14 10.47
C6 PCG F . 3.92 -15.35 11.68
O6 PCG F . 3.14 -15.93 12.67
N1 PCG F . 4.36 -14.04 11.81
C2 PCG F . 5.19 -13.45 10.82
N2 PCG F . 5.66 -12.08 10.94
N3 PCG F . 5.59 -14.25 9.61
C4 PCG F . 5.16 -15.55 9.48
PA PCG G . -16.06 -4.19 -44.72
O1A PCG G . -16.49 -4.06 -46.30
O2A PCG G . -17.12 -4.77 -43.88
O5' PCG G . -14.81 -5.04 -44.68
C5' PCG G . -13.81 -4.40 -45.64
C4' PCG G . -13.32 -3.15 -45.01
O4' PCG G . -12.21 -2.35 -45.50
C3' PCG G . -14.46 -2.17 -45.01
O3' PCG G . -15.60 -2.68 -44.26
C2' PCG G . -13.88 -0.84 -44.56
O2' PCG G . -14.14 -0.52 -43.22
C1' PCG G . -12.41 -0.99 -45.02
N9 PCG G . -12.03 -0.01 -46.07
C8 PCG G . -10.93 0.95 -45.96
N7 PCG G . -10.84 1.62 -47.25
C5 PCG G . -11.99 1.20 -48.07
C6 PCG G . -12.45 1.65 -49.44
O6 PCG G . -11.72 2.64 -50.13
N1 PCG G . -13.57 1.06 -50.00
C2 PCG G . -14.28 0.05 -49.30
N2 PCG G . -15.47 -0.54 -49.90
N3 PCG G . -13.82 -0.40 -47.94
C4 PCG G . -12.70 0.19 -47.37
S SO4 H . 15.85 -12.63 -1.21
O1 SO4 H . 15.56 -11.23 -0.88
O2 SO4 H . 17.00 -13.08 -0.44
O3 SO4 H . 16.14 -12.75 -2.64
O4 SO4 H . 14.69 -13.46 -0.88
C1 IPA I . 11.75 -19.31 -16.09
C2 IPA I . 13.20 -18.96 -15.82
C3 IPA I . 13.65 -19.71 -14.57
O2 IPA I . 14.02 -19.32 -16.91
C1 IPA J . -13.87 -12.15 -38.48
C2 IPA J . -14.99 -11.23 -38.96
C3 IPA J . -16.32 -11.62 -38.32
O2 IPA J . -15.13 -11.29 -40.35
PA PCG K . 18.22 9.29 8.70
O1A PCG K . 17.64 9.47 7.35
O2A PCG K . 19.29 8.04 8.85
O5' PCG K . 17.14 9.07 9.76
C5' PCG K . 17.94 8.76 11.02
C4' PCG K . 18.39 10.10 11.49
O4' PCG K . 18.92 10.41 12.79
C3' PCG K . 19.48 10.54 10.57
O3' PCG K . 19.03 10.62 9.19
C2' PCG K . 20.03 11.83 11.12
O2' PCG K . 19.55 12.95 10.49
C1' PCG K . 19.71 11.63 12.60
N9 PCG K . 20.95 11.53 13.38
C8 PCG K . 21.41 12.53 14.34
N7 PCG K . 22.58 11.92 14.99
C5 PCG K . 23.00 10.76 14.17
C6 PCG K . 24.22 9.90 14.23
O6 PCG K . 25.24 10.21 15.12
N1 PCG K . 24.36 8.84 13.35
C2 PCG K . 23.35 8.58 12.39
N2 PCG K . 23.52 7.47 11.45
N3 PCG K . 22.11 9.44 12.34
C4 PCG K . 21.98 10.48 13.22
#